data_7MB8
#
_entry.id   7MB8
#
_cell.length_a   67.811
_cell.length_b   102.965
_cell.length_c   104.290
_cell.angle_alpha   90.000
_cell.angle_beta   101.360
_cell.angle_gamma   90.000
#
_symmetry.space_group_name_H-M   'P 1 21 1'
#
loop_
_entity.id
_entity.type
_entity.pdbx_description
1 polymer '3C-like proteinase'
2 polymer SER-ALA-VAL-LYS-LEU-GLN
3 water water
#
loop_
_entity_poly.entity_id
_entity_poly.type
_entity_poly.pdbx_seq_one_letter_code
_entity_poly.pdbx_strand_id
1 'polypeptide(L)'
;SGFRKMAFPSGKVEGCMVQVTCGTTTLNGLWLDDVVYCPRHVICTSEDMLNPNYEDLLIRKSNHNFLVQAGNVQLRVIGH
SMQNCVLKLKVDTANPKTPKYKFVRIQPGQTFSVLACYNGSPSGVYQCAMRPNFTIKGSFLNGSAGSVGFNIDYDCVSFC
YMHHMELPTGVHAGTDLEGNFYGPFVDRQTAQAAGTDTTITVNVLAWLYAAVINGDRWFLNRFTTTLNDFNLVAMKYNYE
PLTQDHVDILGPLSAQTGIAVLDMCASLKELLQNGMNGRTILGSALLEDEFTPFDVVRQCSGVTFQ
;
A,C,B,D
2 'polypeptide(L)' SAVKLQ E,G,F,H
#
# COMPACT_ATOMS: atom_id res chain seq x y z
N SER A 1 8.02 -10.60 -16.91
CA SER A 1 7.28 -10.73 -15.66
C SER A 1 7.87 -11.87 -14.81
N GLY A 2 7.23 -12.12 -13.67
CA GLY A 2 7.73 -13.05 -12.68
C GLY A 2 8.28 -12.31 -11.50
N PHE A 3 8.28 -12.96 -10.33
CA PHE A 3 8.83 -12.34 -9.12
C PHE A 3 9.53 -13.42 -8.29
N ARG A 4 10.81 -13.20 -8.02
CA ARG A 4 11.65 -14.17 -7.35
C ARG A 4 12.37 -13.49 -6.18
N LYS A 5 12.79 -14.28 -5.22
CA LYS A 5 13.64 -13.75 -4.16
C LYS A 5 15.01 -13.56 -4.75
N MET A 6 15.37 -12.33 -5.03
CA MET A 6 16.50 -11.99 -5.88
C MET A 6 17.62 -11.35 -5.06
N ALA A 7 18.80 -11.97 -5.10
CA ALA A 7 19.96 -11.43 -4.41
C ALA A 7 20.73 -10.49 -5.33
N PHE A 8 21.52 -9.61 -4.71
CA PHE A 8 22.45 -8.82 -5.50
C PHE A 8 23.52 -9.72 -6.15
N PRO A 9 24.05 -9.31 -7.28
CA PRO A 9 25.23 -10.03 -7.78
C PRO A 9 26.33 -9.95 -6.75
N SER A 10 27.05 -11.05 -6.57
CA SER A 10 27.96 -11.20 -5.44
C SER A 10 29.43 -11.04 -5.78
N GLY A 11 29.76 -10.80 -7.04
CA GLY A 11 31.16 -10.82 -7.44
C GLY A 11 32.04 -9.84 -6.69
N LYS A 12 31.55 -8.65 -6.43
CA LYS A 12 32.38 -7.67 -5.72
C LYS A 12 32.73 -8.11 -4.31
N VAL A 13 31.84 -8.88 -3.67
CA VAL A 13 32.07 -9.32 -2.29
C VAL A 13 32.91 -10.61 -2.29
N GLU A 14 32.72 -11.49 -3.29
CA GLU A 14 33.49 -12.73 -3.34
C GLU A 14 34.98 -12.45 -3.23
N GLY A 15 35.45 -11.39 -3.89
CA GLY A 15 36.86 -11.03 -3.88
C GLY A 15 37.37 -10.52 -2.55
N CYS A 16 36.49 -10.42 -1.56
CA CYS A 16 36.88 -9.87 -0.27
C CYS A 16 36.95 -10.91 0.83
N MET A 17 36.58 -12.15 0.54
CA MET A 17 36.44 -13.17 1.58
C MET A 17 37.75 -13.91 1.78
N VAL A 18 38.17 -14.04 3.03
CA VAL A 18 39.38 -14.76 3.41
C VAL A 18 39.05 -15.70 4.58
N GLN A 19 39.98 -16.61 4.84
CA GLN A 19 39.92 -17.50 6.00
C GLN A 19 40.82 -16.97 7.11
N VAL A 20 40.30 -16.98 8.34
CA VAL A 20 41.07 -16.57 9.53
C VAL A 20 41.11 -17.76 10.52
N THR A 21 42.33 -18.14 10.91
CA THR A 21 42.52 -19.24 11.85
C THR A 21 43.33 -18.76 13.04
N CYS A 22 42.83 -19.04 14.23
CA CYS A 22 43.56 -18.73 15.46
C CYS A 22 43.52 -20.00 16.31
N GLY A 23 44.68 -20.64 16.47
CA GLY A 23 44.72 -21.91 17.18
C GLY A 23 43.99 -22.98 16.39
N THR A 24 42.97 -23.55 17.00
CA THR A 24 42.15 -24.58 16.41
C THR A 24 40.84 -24.05 15.82
N THR A 25 40.57 -22.74 15.95
CA THR A 25 39.31 -22.14 15.56
C THR A 25 39.47 -21.46 14.21
N THR A 26 38.57 -21.76 13.28
CA THR A 26 38.62 -21.18 11.95
C THR A 26 37.26 -20.58 11.58
N LEU A 27 37.29 -19.41 10.95
CA LEU A 27 36.08 -18.79 10.41
C LEU A 27 36.50 -17.86 9.27
N ASN A 28 35.56 -17.04 8.82
CA ASN A 28 35.80 -16.20 7.67
C ASN A 28 36.11 -14.78 8.10
N GLY A 29 36.82 -14.07 7.23
CA GLY A 29 37.04 -12.65 7.43
C GLY A 29 36.78 -11.89 6.15
N LEU A 30 36.57 -10.59 6.30
CA LEU A 30 36.30 -9.66 5.22
C LEU A 30 37.54 -8.79 5.06
N TRP A 31 38.14 -8.82 3.86
CA TRP A 31 39.42 -8.18 3.56
C TRP A 31 39.16 -6.96 2.69
N LEU A 32 39.33 -5.78 3.29
CA LEU A 32 39.14 -4.50 2.60
C LEU A 32 40.35 -3.61 2.90
N ASP A 33 40.88 -2.95 1.86
CA ASP A 33 42.11 -2.20 2.10
C ASP A 33 43.11 -3.17 2.71
N ASP A 34 43.90 -2.72 3.70
CA ASP A 34 44.87 -3.57 4.39
C ASP A 34 44.35 -4.07 5.74
N VAL A 35 43.05 -4.35 5.88
CA VAL A 35 42.46 -4.79 7.15
C VAL A 35 41.56 -5.98 6.85
N VAL A 36 41.60 -6.98 7.74
CA VAL A 36 40.68 -8.11 7.71
C VAL A 36 39.82 -8.00 8.95
N TYR A 37 38.50 -7.98 8.75
CA TYR A 37 37.51 -7.90 9.82
C TYR A 37 36.93 -9.29 10.08
N CYS A 38 36.85 -9.70 11.35
CA CYS A 38 36.25 -11.00 11.62
C CYS A 38 35.64 -11.02 13.02
N PRO A 39 34.79 -12.03 13.33
CA PRO A 39 34.21 -12.09 14.69
C PRO A 39 35.28 -12.30 15.74
N ARG A 40 35.13 -11.65 16.90
CA ARG A 40 36.16 -11.80 17.91
C ARG A 40 36.27 -13.20 18.50
N HIS A 41 35.21 -14.04 18.44
CA HIS A 41 35.32 -15.36 19.05
C HIS A 41 36.27 -16.30 18.29
N VAL A 42 36.95 -15.85 17.24
CA VAL A 42 37.98 -16.68 16.63
C VAL A 42 39.12 -16.95 17.60
N ILE A 43 39.26 -16.15 18.66
CA ILE A 43 40.34 -16.31 19.64
C ILE A 43 39.91 -17.23 20.78
N CYS A 44 38.73 -17.80 20.70
CA CYS A 44 38.23 -18.74 21.69
C CYS A 44 38.68 -20.16 21.33
N THR A 45 38.88 -20.97 22.36
CA THR A 45 38.87 -22.42 22.20
C THR A 45 37.51 -22.96 22.62
N SER A 46 37.27 -24.24 22.35
CA SER A 46 35.98 -24.84 22.71
C SER A 46 35.71 -24.78 24.20
N GLU A 47 36.75 -24.68 25.03
CA GLU A 47 36.60 -24.53 26.47
C GLU A 47 36.43 -23.08 26.91
N ASP A 48 36.57 -22.11 25.99
CA ASP A 48 36.51 -20.70 26.35
C ASP A 48 35.16 -20.08 26.06
N MET A 49 34.17 -20.86 25.60
CA MET A 49 33.03 -20.25 24.93
C MET A 49 31.80 -20.06 25.82
N LEU A 50 31.81 -20.57 27.06
CA LEU A 50 30.67 -20.37 27.97
C LEU A 50 30.62 -18.95 28.52
N ASN A 51 31.78 -18.40 28.93
CA ASN A 51 31.87 -17.02 29.40
C ASN A 51 33.26 -16.50 29.12
N PRO A 52 33.57 -16.28 27.86
CA PRO A 52 34.91 -15.80 27.50
C PRO A 52 35.15 -14.38 27.96
N ASN A 53 36.35 -14.13 28.46
CA ASN A 53 36.84 -12.79 28.74
C ASN A 53 37.68 -12.42 27.54
N TYR A 54 37.08 -11.72 26.57
CA TYR A 54 37.77 -11.48 25.31
C TYR A 54 38.98 -10.60 25.48
N GLU A 55 38.92 -9.65 26.42
CA GLU A 55 40.06 -8.79 26.71
C GLU A 55 41.28 -9.64 27.08
N ASP A 56 41.09 -10.57 28.02
CA ASP A 56 42.21 -11.40 28.48
C ASP A 56 42.63 -12.41 27.42
N LEU A 57 41.68 -12.98 26.68
CA LEU A 57 42.07 -13.89 25.60
C LEU A 57 42.93 -13.17 24.56
N LEU A 58 42.63 -11.90 24.27
CA LEU A 58 43.36 -11.21 23.22
C LEU A 58 44.72 -10.71 23.69
N ILE A 59 44.85 -10.33 24.96
CA ILE A 59 46.16 -9.89 25.46
C ILE A 59 47.19 -11.00 25.27
N ARG A 60 46.74 -12.25 25.30
CA ARG A 60 47.62 -13.42 25.21
C ARG A 60 48.05 -13.74 23.79
N LYS A 61 47.55 -12.99 22.80
CA LYS A 61 47.78 -13.30 21.40
C LYS A 61 48.74 -12.29 20.79
N SER A 62 49.58 -12.78 19.88
CA SER A 62 50.46 -11.93 19.08
C SER A 62 50.00 -11.96 17.63
N ASN A 63 50.57 -11.08 16.81
CA ASN A 63 50.23 -11.06 15.39
C ASN A 63 50.38 -12.44 14.76
N HIS A 64 51.46 -13.15 15.12
CA HIS A 64 51.74 -14.44 14.47
C HIS A 64 50.76 -15.53 14.88
N ASN A 65 49.93 -15.27 15.90
CA ASN A 65 48.92 -16.24 16.29
C ASN A 65 47.73 -16.27 15.34
N PHE A 66 47.62 -15.30 14.43
CA PHE A 66 46.52 -15.21 13.46
C PHE A 66 47.04 -15.61 12.10
N LEU A 67 46.41 -16.61 11.48
CA LEU A 67 46.72 -17.07 10.14
C LEU A 67 45.59 -16.65 9.22
N VAL A 68 45.93 -15.83 8.22
CA VAL A 68 44.96 -15.34 7.26
C VAL A 68 45.35 -15.88 5.89
N GLN A 69 44.40 -16.58 5.26
CA GLN A 69 44.58 -17.17 3.92
C GLN A 69 43.60 -16.56 2.94
N ALA A 70 44.13 -15.95 1.86
CA ALA A 70 43.34 -15.36 0.78
C ALA A 70 43.55 -16.27 -0.41
N GLY A 71 42.59 -17.15 -0.69
CA GLY A 71 42.84 -18.19 -1.67
C GLY A 71 43.90 -19.13 -1.11
N ASN A 72 45.03 -19.24 -1.80
CA ASN A 72 46.17 -19.99 -1.27
C ASN A 72 47.35 -19.09 -0.89
N VAL A 73 47.14 -17.79 -0.87
CA VAL A 73 48.17 -16.83 -0.49
C VAL A 73 47.98 -16.48 0.98
N GLN A 74 49.05 -16.54 1.76
CA GLN A 74 49.02 -16.15 3.16
C GLN A 74 49.29 -14.67 3.27
N LEU A 75 48.43 -13.98 4.02
CA LEU A 75 48.58 -12.56 4.33
C LEU A 75 49.16 -12.46 5.74
N ARG A 76 50.31 -11.82 5.87
CA ARG A 76 50.96 -11.68 7.16
C ARG A 76 50.26 -10.61 7.98
N VAL A 77 49.87 -10.96 9.21
CA VAL A 77 49.24 -10.00 10.10
C VAL A 77 50.31 -9.15 10.77
N ILE A 78 50.17 -7.83 10.68
CA ILE A 78 51.15 -6.88 11.20
C ILE A 78 50.58 -6.01 12.28
N GLY A 79 49.34 -6.25 12.69
CA GLY A 79 48.70 -5.49 13.75
C GLY A 79 47.34 -6.06 14.07
N HIS A 80 46.88 -5.91 15.30
CA HIS A 80 45.57 -6.44 15.66
C HIS A 80 44.95 -5.53 16.72
N SER A 81 43.64 -5.39 16.64
CA SER A 81 42.88 -4.70 17.68
C SER A 81 41.45 -5.19 17.63
N MET A 82 40.72 -4.93 18.72
CA MET A 82 39.34 -5.34 18.84
C MET A 82 38.48 -4.08 18.83
N GLN A 83 37.44 -4.07 18.02
CA GLN A 83 36.43 -3.02 18.02
C GLN A 83 35.10 -3.70 18.31
N ASN A 84 34.57 -3.51 19.51
CA ASN A 84 33.32 -4.17 19.90
C ASN A 84 33.48 -5.67 19.68
N CYS A 85 32.56 -6.34 18.99
CA CYS A 85 32.62 -7.79 18.85
C CYS A 85 33.37 -8.24 17.59
N VAL A 86 34.14 -7.35 16.94
CA VAL A 86 34.96 -7.78 15.80
C VAL A 86 36.43 -7.54 16.11
N LEU A 87 37.27 -8.33 15.48
CA LEU A 87 38.69 -8.08 15.42
C LEU A 87 39.01 -7.41 14.10
N LYS A 88 39.98 -6.50 14.15
CA LYS A 88 40.56 -5.84 12.99
C LYS A 88 42.01 -6.29 12.91
N LEU A 89 42.35 -7.01 11.84
CA LEU A 89 43.70 -7.52 11.65
C LEU A 89 44.32 -6.74 10.50
N LYS A 90 45.32 -5.94 10.82
CA LYS A 90 46.12 -5.27 9.80
C LYS A 90 47.04 -6.26 9.13
N VAL A 91 47.08 -6.23 7.81
CA VAL A 91 47.82 -7.23 7.05
C VAL A 91 48.83 -6.51 6.16
N ASP A 92 49.79 -7.28 5.65
CA ASP A 92 50.87 -6.74 4.82
C ASP A 92 50.44 -6.49 3.37
N THR A 93 49.22 -6.83 2.99
CA THR A 93 48.78 -6.77 1.60
C THR A 93 47.41 -6.13 1.54
N ALA A 94 47.32 -4.97 0.88
CA ALA A 94 46.03 -4.37 0.63
C ALA A 94 45.29 -5.18 -0.43
N ASN A 95 43.98 -5.40 -0.21
CA ASN A 95 43.21 -6.15 -1.20
C ASN A 95 43.10 -5.42 -2.53
N PRO A 96 43.69 -5.95 -3.60
CA PRO A 96 43.59 -5.25 -4.88
C PRO A 96 42.20 -5.24 -5.46
N LYS A 97 41.31 -6.07 -4.94
CA LYS A 97 39.93 -6.16 -5.38
C LYS A 97 38.96 -5.43 -4.47
N THR A 98 39.44 -4.57 -3.57
CA THR A 98 38.54 -3.79 -2.69
C THR A 98 37.56 -2.98 -3.55
N PRO A 99 36.25 -3.19 -3.40
CA PRO A 99 35.28 -2.37 -4.14
C PRO A 99 35.09 -1.04 -3.45
N LYS A 100 34.41 -0.11 -4.14
CA LYS A 100 33.83 1.04 -3.44
C LYS A 100 32.83 0.53 -2.41
N TYR A 101 32.99 0.91 -1.14
CA TYR A 101 32.18 0.35 -0.06
C TYR A 101 31.99 1.34 1.09
N LYS A 102 30.97 1.02 1.91
CA LYS A 102 30.83 1.68 3.19
C LYS A 102 30.24 0.68 4.17
N PHE A 103 30.41 1.00 5.44
CA PHE A 103 29.77 0.24 6.51
C PHE A 103 28.50 0.97 6.91
N VAL A 104 27.36 0.26 6.94
CA VAL A 104 26.09 0.84 7.35
C VAL A 104 25.45 -0.08 8.38
N ARG A 105 24.70 0.52 9.27
CA ARG A 105 23.89 -0.21 10.22
C ARG A 105 22.44 -0.09 9.79
N ILE A 106 21.77 -1.22 9.59
CA ILE A 106 20.42 -1.20 9.09
C ILE A 106 19.41 -1.26 10.22
N GLN A 107 18.14 -1.02 9.88
CA GLN A 107 17.03 -1.14 10.80
C GLN A 107 16.17 -2.35 10.52
N PRO A 108 15.40 -2.79 11.51
CA PRO A 108 14.52 -3.93 11.29
C PRO A 108 13.57 -3.68 10.12
N GLY A 109 13.39 -4.72 9.32
CA GLY A 109 12.59 -4.66 8.11
C GLY A 109 13.42 -4.53 6.85
N GLN A 110 14.63 -4.00 6.95
N GLN A 110 14.63 -4.00 6.94
CA GLN A 110 15.48 -3.87 5.78
CA GLN A 110 15.48 -3.87 5.78
C GLN A 110 16.04 -5.22 5.39
C GLN A 110 16.05 -5.23 5.39
N THR A 111 16.25 -5.41 4.10
CA THR A 111 16.72 -6.68 3.54
C THR A 111 18.17 -6.54 3.11
N PHE A 112 18.81 -7.68 2.88
CA PHE A 112 20.19 -7.70 2.37
C PHE A 112 20.51 -9.07 1.81
N SER A 113 21.52 -9.11 0.95
CA SER A 113 22.03 -10.36 0.41
C SER A 113 23.10 -10.90 1.34
N VAL A 114 23.05 -12.21 1.61
CA VAL A 114 24.09 -12.91 2.38
C VAL A 114 24.94 -13.74 1.43
N LEU A 115 26.26 -13.60 1.55
CA LEU A 115 27.19 -14.50 0.88
C LEU A 115 27.70 -15.49 1.93
N ALA A 116 27.10 -16.69 1.95
CA ALA A 116 27.49 -17.70 2.92
C ALA A 116 28.82 -18.32 2.50
N CYS A 117 29.76 -18.32 3.44
CA CYS A 117 31.13 -18.76 3.21
C CYS A 117 31.59 -19.74 4.27
N TYR A 118 32.51 -20.63 3.87
CA TYR A 118 33.20 -21.57 4.75
C TYR A 118 34.65 -21.63 4.32
N ASN A 119 35.56 -21.59 5.28
CA ASN A 119 37.00 -21.63 5.01
C ASN A 119 37.42 -20.55 4.00
N GLY A 120 36.77 -19.39 4.07
CA GLY A 120 37.06 -18.29 3.20
C GLY A 120 36.56 -18.41 1.77
N SER A 121 35.79 -19.46 1.45
CA SER A 121 35.27 -19.70 0.11
C SER A 121 33.76 -19.53 0.09
N PRO A 122 33.27 -18.67 -0.80
CA PRO A 122 31.81 -18.50 -0.92
C PRO A 122 31.13 -19.78 -1.32
N SER A 123 30.04 -20.08 -0.63
CA SER A 123 29.23 -21.27 -0.81
C SER A 123 27.93 -20.97 -1.57
N GLY A 124 27.24 -19.88 -1.24
CA GLY A 124 26.00 -19.55 -1.92
C GLY A 124 25.58 -18.16 -1.51
N VAL A 125 24.52 -17.66 -2.18
CA VAL A 125 23.98 -16.33 -1.91
C VAL A 125 22.46 -16.45 -1.79
N TYR A 126 21.91 -15.73 -0.81
CA TYR A 126 20.47 -15.66 -0.64
C TYR A 126 20.10 -14.34 0.01
N GLN A 127 18.82 -13.99 -0.09
CA GLN A 127 18.26 -12.81 0.55
C GLN A 127 17.81 -13.10 1.98
N CYS A 128 17.93 -12.09 2.85
CA CYS A 128 17.52 -12.12 4.25
C CYS A 128 16.87 -10.79 4.59
N ALA A 129 16.04 -10.76 5.62
CA ALA A 129 15.55 -9.53 6.20
C ALA A 129 15.97 -9.49 7.67
N MET A 130 16.35 -8.32 8.15
CA MET A 130 16.45 -8.13 9.58
C MET A 130 15.05 -8.16 10.20
N ARG A 131 14.77 -9.18 11.03
CA ARG A 131 13.44 -9.30 11.63
C ARG A 131 13.22 -8.19 12.67
N PRO A 132 11.96 -7.87 12.97
CA PRO A 132 11.70 -6.90 14.05
C PRO A 132 12.32 -7.26 15.39
N ASN A 133 12.57 -8.53 15.63
CA ASN A 133 13.24 -8.94 16.86
C ASN A 133 14.75 -9.03 16.72
N PHE A 134 15.27 -8.55 15.60
CA PHE A 134 16.70 -8.38 15.34
C PHE A 134 17.40 -9.69 15.08
N THR A 135 16.67 -10.75 14.80
CA THR A 135 17.29 -11.98 14.32
C THR A 135 17.24 -12.00 12.79
N ILE A 136 17.98 -12.90 12.15
CA ILE A 136 17.78 -13.20 10.74
C ILE A 136 17.54 -14.69 10.58
N LYS A 137 16.66 -15.05 9.65
CA LYS A 137 16.36 -16.43 9.32
C LYS A 137 17.26 -16.86 8.18
N GLY A 138 18.50 -17.20 8.54
CA GLY A 138 19.51 -17.57 7.57
C GLY A 138 19.65 -19.07 7.39
N SER A 139 20.69 -19.44 6.67
CA SER A 139 21.12 -20.83 6.52
C SER A 139 22.63 -20.86 6.76
N PHE A 140 23.04 -21.28 7.96
CA PHE A 140 24.40 -21.14 8.44
C PHE A 140 24.75 -22.37 9.25
N LEU A 141 25.94 -22.93 8.97
CA LEU A 141 26.52 -24.04 9.70
C LEU A 141 27.76 -23.61 10.47
N ASN A 142 28.32 -24.53 11.26
N ASN A 142 28.33 -24.53 11.25
CA ASN A 142 29.57 -24.20 11.94
CA ASN A 142 29.57 -24.21 11.93
C ASN A 142 30.63 -23.83 10.90
C ASN A 142 30.64 -23.84 10.90
N GLY A 143 31.38 -22.78 11.21
CA GLY A 143 32.39 -22.29 10.30
C GLY A 143 31.91 -21.15 9.44
N SER A 144 30.61 -20.80 9.50
CA SER A 144 30.06 -19.73 8.65
C SER A 144 30.20 -18.33 9.24
N ALA A 145 30.61 -18.21 10.50
CA ALA A 145 30.77 -16.87 11.06
C ALA A 145 31.83 -16.08 10.29
N GLY A 146 31.61 -14.77 10.19
CA GLY A 146 32.37 -13.92 9.32
C GLY A 146 31.81 -13.75 7.93
N SER A 147 30.83 -14.56 7.54
CA SER A 147 30.05 -14.30 6.34
C SER A 147 29.34 -12.98 6.50
N VAL A 148 29.15 -12.26 5.38
CA VAL A 148 28.60 -10.90 5.44
C VAL A 148 27.32 -10.75 4.64
N GLY A 149 26.54 -9.76 5.07
CA GLY A 149 25.36 -9.31 4.35
C GLY A 149 25.59 -7.91 3.80
N PHE A 150 24.99 -7.65 2.64
CA PHE A 150 25.28 -6.41 1.95
C PHE A 150 24.12 -6.02 1.02
N ASN A 151 24.13 -4.75 0.65
CA ASN A 151 23.31 -4.21 -0.42
C ASN A 151 24.25 -3.50 -1.38
N ILE A 152 23.83 -3.32 -2.63
CA ILE A 152 24.59 -2.50 -3.58
C ILE A 152 23.73 -1.29 -3.97
N ASP A 153 24.35 -0.12 -4.00
CA ASP A 153 23.73 1.09 -4.53
C ASP A 153 24.62 1.62 -5.65
N TYR A 154 24.39 1.15 -6.87
CA TYR A 154 25.14 1.57 -8.06
C TYR A 154 26.61 1.17 -7.96
N ASP A 155 27.44 2.10 -7.51
CA ASP A 155 28.87 1.88 -7.47
C ASP A 155 29.34 1.35 -6.13
N CYS A 156 28.50 1.36 -5.09
CA CYS A 156 28.97 1.20 -3.72
C CYS A 156 28.36 -0.02 -3.03
N VAL A 157 29.22 -0.90 -2.52
CA VAL A 157 28.76 -2.00 -1.69
C VAL A 157 28.58 -1.49 -0.27
N SER A 158 27.39 -1.62 0.30
CA SER A 158 27.12 -1.24 1.68
C SER A 158 27.04 -2.50 2.53
N PHE A 159 28.08 -2.76 3.31
CA PHE A 159 28.11 -3.89 4.23
C PHE A 159 27.32 -3.55 5.49
N CYS A 160 26.34 -4.41 5.80
CA CYS A 160 25.48 -4.17 6.95
C CYS A 160 25.45 -5.30 7.96
N TYR A 161 26.00 -6.48 7.68
CA TYR A 161 25.86 -7.60 8.60
C TYR A 161 27.11 -8.46 8.54
N MET A 162 27.59 -8.87 9.72
CA MET A 162 28.59 -9.94 9.82
C MET A 162 28.03 -11.04 10.70
N HIS A 163 28.08 -12.27 10.23
CA HIS A 163 27.43 -13.35 10.96
C HIS A 163 28.28 -13.81 12.15
N HIS A 164 27.62 -14.07 13.30
CA HIS A 164 28.35 -14.60 14.47
C HIS A 164 27.83 -15.93 14.99
N MET A 165 26.53 -16.12 15.09
CA MET A 165 26.06 -17.25 15.89
C MET A 165 24.63 -17.66 15.56
N GLU A 166 24.23 -18.80 16.14
CA GLU A 166 22.89 -19.35 15.98
C GLU A 166 22.20 -19.50 17.32
N LEU A 167 20.98 -19.01 17.43
CA LEU A 167 20.22 -19.13 18.66
C LEU A 167 19.63 -20.53 18.77
N PRO A 168 19.24 -20.93 19.98
CA PRO A 168 18.62 -22.25 20.14
C PRO A 168 17.44 -22.54 19.25
N THR A 169 16.68 -21.52 18.85
CA THR A 169 15.53 -21.72 17.98
C THR A 169 15.90 -21.96 16.51
N GLY A 170 17.16 -21.82 16.15
CA GLY A 170 17.62 -22.05 14.79
C GLY A 170 17.75 -20.79 13.96
N VAL A 171 17.40 -19.63 14.50
CA VAL A 171 17.62 -18.37 13.84
C VAL A 171 19.00 -17.82 14.19
N HIS A 172 19.38 -16.76 13.53
CA HIS A 172 20.76 -16.32 13.53
C HIS A 172 20.91 -14.89 14.03
N ALA A 173 22.11 -14.61 14.56
CA ALA A 173 22.41 -13.30 15.11
C ALA A 173 23.83 -12.89 14.75
N GLY A 174 24.03 -11.59 14.62
CA GLY A 174 25.32 -11.02 14.25
C GLY A 174 25.36 -9.55 14.50
N THR A 175 26.37 -8.92 13.89
CA THR A 175 26.71 -7.55 14.18
C THR A 175 26.72 -6.73 12.90
N ASP A 176 26.81 -5.40 13.06
CA ASP A 176 27.27 -4.56 11.96
C ASP A 176 28.79 -4.71 11.82
N LEU A 177 29.38 -4.03 10.83
CA LEU A 177 30.81 -4.25 10.57
C LEU A 177 31.71 -3.48 11.53
N GLU A 178 31.14 -2.68 12.43
CA GLU A 178 31.84 -2.12 13.58
C GLU A 178 31.68 -2.97 14.85
N GLY A 179 31.08 -4.16 14.74
CA GLY A 179 31.04 -5.06 15.85
C GLY A 179 29.94 -4.83 16.84
N ASN A 180 28.92 -4.03 16.51
CA ASN A 180 27.78 -3.84 17.37
C ASN A 180 26.68 -4.85 17.07
N PHE A 181 26.26 -5.59 18.07
CA PHE A 181 25.25 -6.59 17.83
C PHE A 181 23.95 -5.92 17.39
N TYR A 182 23.24 -6.63 16.52
CA TYR A 182 21.82 -6.42 16.29
C TYR A 182 21.08 -7.28 17.29
N GLY A 183 20.21 -6.66 18.10
CA GLY A 183 19.37 -7.35 19.06
C GLY A 183 20.06 -7.57 20.39
N PRO A 184 19.28 -7.99 21.39
CA PRO A 184 19.75 -8.14 22.79
C PRO A 184 20.46 -9.47 23.04
N PHE A 185 21.58 -9.68 22.35
CA PHE A 185 22.31 -10.94 22.38
C PHE A 185 23.78 -10.64 22.67
N VAL A 186 24.47 -11.67 23.19
CA VAL A 186 25.91 -11.55 23.48
C VAL A 186 26.63 -12.76 22.90
N ASP A 187 27.92 -12.60 22.56
CA ASP A 187 28.63 -13.70 21.92
C ASP A 187 29.23 -14.66 22.94
N ARG A 188 28.38 -15.53 23.49
CA ARG A 188 28.81 -16.61 24.35
C ARG A 188 27.77 -17.71 24.25
N GLN A 189 28.16 -18.92 24.60
CA GLN A 189 27.30 -20.08 24.41
C GLN A 189 26.45 -20.34 25.66
N THR A 190 25.46 -19.47 25.84
CA THR A 190 24.46 -19.57 26.90
C THR A 190 23.09 -19.58 26.25
N ALA A 191 22.08 -19.95 27.04
CA ALA A 191 20.70 -19.87 26.58
C ALA A 191 20.31 -18.40 26.44
N GLN A 192 19.92 -18.01 25.23
CA GLN A 192 19.46 -16.66 24.93
C GLN A 192 18.26 -16.78 24.01
N ALA A 193 17.27 -15.93 24.22
CA ALA A 193 16.04 -15.92 23.45
C ALA A 193 15.74 -14.54 22.90
N ALA A 194 15.27 -14.50 21.67
CA ALA A 194 14.80 -13.28 21.06
C ALA A 194 13.36 -13.01 21.44
N GLY A 195 12.98 -11.75 21.35
CA GLY A 195 11.59 -11.38 21.55
C GLY A 195 10.70 -11.99 20.49
N THR A 196 9.43 -12.11 20.83
CA THR A 196 8.45 -12.62 19.87
C THR A 196 8.45 -11.75 18.64
N ASP A 197 8.60 -12.40 17.50
CA ASP A 197 8.72 -11.69 16.24
C ASP A 197 7.36 -11.23 15.75
N THR A 198 7.38 -10.27 14.84
CA THR A 198 6.19 -9.68 14.26
C THR A 198 6.43 -9.59 12.76
N THR A 199 5.37 -9.32 12.02
CA THR A 199 5.42 -9.24 10.55
C THR A 199 5.68 -7.81 10.08
N ILE A 200 6.51 -7.68 9.04
CA ILE A 200 6.93 -6.36 8.59
C ILE A 200 5.86 -5.87 7.60
N THR A 201 4.92 -5.06 8.10
CA THR A 201 3.73 -4.69 7.33
C THR A 201 4.08 -3.96 6.04
N VAL A 202 4.98 -2.97 6.11
CA VAL A 202 5.35 -2.19 4.93
C VAL A 202 5.90 -3.08 3.84
N ASN A 203 6.61 -4.15 4.19
CA ASN A 203 7.11 -5.07 3.18
C ASN A 203 5.99 -5.94 2.59
N VAL A 204 5.01 -6.36 3.42
CA VAL A 204 3.87 -7.10 2.86
C VAL A 204 3.17 -6.26 1.81
N LEU A 205 2.97 -4.99 2.10
CA LEU A 205 2.31 -4.11 1.14
C LEU A 205 3.14 -3.97 -0.12
N ALA A 206 4.46 -3.79 0.02
CA ALA A 206 5.32 -3.79 -1.17
C ALA A 206 5.10 -5.05 -2.01
N TRP A 207 5.02 -6.21 -1.36
CA TRP A 207 4.85 -7.47 -2.06
C TRP A 207 3.47 -7.58 -2.72
N LEU A 208 2.45 -7.02 -2.10
CA LEU A 208 1.15 -6.92 -2.77
C LEU A 208 1.25 -6.05 -4.02
N TYR A 209 1.97 -4.94 -3.96
CA TYR A 209 2.18 -4.14 -5.17
C TYR A 209 2.92 -4.94 -6.24
N ALA A 210 3.94 -5.70 -5.83
CA ALA A 210 4.61 -6.59 -6.77
C ALA A 210 3.62 -7.57 -7.42
N ALA A 211 2.67 -8.08 -6.65
CA ALA A 211 1.70 -8.99 -7.22
C ALA A 211 0.84 -8.29 -8.26
N VAL A 212 0.42 -7.05 -7.97
CA VAL A 212 -0.38 -6.28 -8.92
C VAL A 212 0.41 -6.04 -10.20
N ILE A 213 1.66 -5.63 -10.06
CA ILE A 213 2.51 -5.42 -11.23
C ILE A 213 2.58 -6.69 -12.07
N ASN A 214 2.55 -7.84 -11.44
CA ASN A 214 2.61 -9.13 -12.13
C ASN A 214 1.24 -9.71 -12.51
N GLY A 215 0.19 -8.92 -12.43
CA GLY A 215 -1.11 -9.34 -12.88
C GLY A 215 -1.97 -10.08 -11.90
N ASP A 216 -1.64 -10.07 -10.62
CA ASP A 216 -2.48 -10.62 -9.56
C ASP A 216 -3.24 -9.47 -8.92
N ARG A 217 -4.56 -9.42 -9.17
CA ARG A 217 -5.41 -8.42 -8.55
C ARG A 217 -6.60 -8.99 -7.81
N TRP A 218 -6.71 -10.32 -7.66
CA TRP A 218 -7.91 -10.92 -7.10
C TRP A 218 -8.17 -10.46 -5.68
N PHE A 219 -7.11 -10.10 -4.96
CA PHE A 219 -7.23 -9.64 -3.58
C PHE A 219 -7.61 -8.16 -3.48
N LEU A 220 -7.58 -7.41 -4.58
CA LEU A 220 -7.99 -6.01 -4.51
C LEU A 220 -9.50 -5.94 -4.28
N ASN A 221 -9.94 -4.95 -3.51
CA ASN A 221 -11.36 -4.81 -3.19
C ASN A 221 -11.72 -3.33 -3.23
N ARG A 222 -13.02 -3.06 -3.18
CA ARG A 222 -13.56 -1.71 -3.30
C ARG A 222 -13.67 -1.00 -1.95
N PHE A 223 -13.26 -1.65 -0.87
CA PHE A 223 -13.38 -1.05 0.45
C PHE A 223 -12.28 -0.02 0.67
N THR A 224 -12.45 0.76 1.73
CA THR A 224 -11.43 1.72 2.13
C THR A 224 -11.16 1.58 3.62
N THR A 225 -10.10 2.23 4.08
CA THR A 225 -9.73 2.18 5.50
C THR A 225 -8.86 3.38 5.84
N THR A 226 -8.88 3.76 7.10
CA THR A 226 -7.98 4.78 7.61
C THR A 226 -6.71 4.10 8.11
N LEU A 227 -5.63 4.88 8.20
CA LEU A 227 -4.40 4.35 8.76
C LEU A 227 -4.64 3.77 10.16
N ASN A 228 -5.32 4.53 11.02
CA ASN A 228 -5.52 4.08 12.39
C ASN A 228 -6.36 2.81 12.42
N ASP A 229 -7.40 2.73 11.59
CA ASP A 229 -8.26 1.54 11.62
C ASP A 229 -7.50 0.31 11.15
N PHE A 230 -6.67 0.46 10.11
CA PHE A 230 -5.84 -0.65 9.66
C PHE A 230 -4.93 -1.15 10.77
N ASN A 231 -4.23 -0.23 11.44
CA ASN A 231 -3.31 -0.61 12.52
C ASN A 231 -4.02 -1.40 13.61
N LEU A 232 -5.26 -1.02 13.94
CA LEU A 232 -5.98 -1.75 14.98
C LEU A 232 -6.17 -3.21 14.58
N VAL A 233 -6.37 -3.46 13.29
CA VAL A 233 -6.51 -4.83 12.80
C VAL A 233 -5.15 -5.51 12.67
N ALA A 234 -4.11 -4.74 12.31
CA ALA A 234 -2.78 -5.32 12.11
C ALA A 234 -2.23 -5.88 13.42
N MET A 235 -2.29 -5.09 14.49
CA MET A 235 -1.77 -5.55 15.77
C MET A 235 -2.44 -6.84 16.23
N LYS A 236 -3.73 -7.00 15.95
CA LYS A 236 -4.41 -8.22 16.37
C LYS A 236 -3.76 -9.45 15.72
N TYR A 237 -3.11 -9.27 14.56
CA TYR A 237 -2.49 -10.38 13.85
C TYR A 237 -0.97 -10.33 13.93
N ASN A 238 -0.41 -9.59 14.90
CA ASN A 238 1.03 -9.59 15.14
C ASN A 238 1.79 -8.92 14.01
N TYR A 239 1.22 -7.86 13.44
CA TYR A 239 1.85 -7.09 12.36
C TYR A 239 2.41 -5.81 12.94
N GLU A 240 3.56 -5.38 12.42
CA GLU A 240 4.17 -4.12 12.84
C GLU A 240 3.23 -2.97 12.50
N PRO A 241 3.33 -1.88 13.27
CA PRO A 241 2.48 -0.71 12.95
C PRO A 241 2.94 -0.04 11.65
N LEU A 242 2.00 0.21 10.76
CA LEU A 242 2.29 1.00 9.57
C LEU A 242 2.34 2.46 9.96
N THR A 243 3.42 3.13 9.59
CA THR A 243 3.58 4.54 9.88
C THR A 243 3.36 5.38 8.63
N GLN A 244 3.25 6.69 8.83
CA GLN A 244 3.15 7.59 7.69
C GLN A 244 4.40 7.53 6.83
N ASP A 245 5.57 7.44 7.47
CA ASP A 245 6.80 7.31 6.71
C ASP A 245 6.78 6.05 5.85
N HIS A 246 6.21 4.95 6.36
CA HIS A 246 6.02 3.77 5.53
C HIS A 246 5.05 4.05 4.38
N VAL A 247 3.95 4.75 4.66
CA VAL A 247 3.02 5.15 3.61
C VAL A 247 3.74 5.95 2.54
N ASP A 248 4.65 6.83 2.95
CA ASP A 248 5.36 7.66 1.98
C ASP A 248 6.33 6.84 1.14
N ILE A 249 7.02 5.89 1.77
CA ILE A 249 7.99 5.08 1.05
C ILE A 249 7.30 4.28 -0.04
N LEU A 250 6.03 3.95 0.15
CA LEU A 250 5.26 3.21 -0.84
C LEU A 250 4.73 4.10 -1.96
N GLY A 251 5.11 5.38 -1.99
CA GLY A 251 4.67 6.29 -3.01
C GLY A 251 4.91 5.79 -4.43
N PRO A 252 6.18 5.53 -4.78
CA PRO A 252 6.48 5.17 -6.17
C PRO A 252 5.73 3.94 -6.65
N LEU A 253 5.61 2.91 -5.81
CA LEU A 253 4.82 1.75 -6.23
C LEU A 253 3.35 2.12 -6.35
N SER A 254 2.85 2.97 -5.45
CA SER A 254 1.45 3.38 -5.53
C SER A 254 1.20 4.16 -6.81
N ALA A 255 2.13 5.06 -7.18
CA ALA A 255 1.98 5.84 -8.40
C ALA A 255 2.16 5.00 -9.64
N GLN A 256 3.04 3.99 -9.59
CA GLN A 256 3.21 3.11 -10.73
C GLN A 256 1.92 2.33 -11.03
N THR A 257 1.28 1.82 -9.99
CA THR A 257 0.16 0.92 -10.17
C THR A 257 -1.19 1.63 -10.17
N GLY A 258 -1.27 2.88 -9.69
CA GLY A 258 -2.55 3.54 -9.54
C GLY A 258 -3.41 3.02 -8.42
N ILE A 259 -2.81 2.43 -7.40
CA ILE A 259 -3.54 1.97 -6.22
C ILE A 259 -3.05 2.76 -5.03
N ALA A 260 -3.96 3.47 -4.38
CA ALA A 260 -3.61 4.24 -3.19
C ALA A 260 -3.11 3.28 -2.12
N VAL A 261 -2.18 3.76 -1.29
CA VAL A 261 -1.64 2.94 -0.21
C VAL A 261 -2.75 2.45 0.72
N LEU A 262 -3.69 3.34 1.08
CA LEU A 262 -4.77 2.92 1.97
C LEU A 262 -5.67 1.87 1.34
N ASP A 263 -5.81 1.90 0.01
CA ASP A 263 -6.60 0.87 -0.65
C ASP A 263 -5.87 -0.47 -0.61
N MET A 264 -4.53 -0.44 -0.67
CA MET A 264 -3.80 -1.70 -0.49
C MET A 264 -3.92 -2.18 0.96
N CYS A 265 -4.03 -1.25 1.90
CA CYS A 265 -4.25 -1.63 3.28
C CYS A 265 -5.60 -2.31 3.47
N ALA A 266 -6.62 -1.84 2.73
CA ALA A 266 -7.94 -2.45 2.84
C ALA A 266 -7.90 -3.85 2.29
N SER A 267 -7.11 -4.07 1.24
CA SER A 267 -6.99 -5.43 0.72
C SER A 267 -6.29 -6.33 1.72
N LEU A 268 -5.21 -5.83 2.33
CA LEU A 268 -4.48 -6.64 3.30
C LEU A 268 -5.33 -6.95 4.50
N LYS A 269 -6.06 -5.95 4.99
CA LYS A 269 -7.01 -6.21 6.08
C LYS A 269 -7.89 -7.43 5.80
N GLU A 270 -8.51 -7.46 4.62
CA GLU A 270 -9.42 -8.56 4.34
C GLU A 270 -8.66 -9.88 4.19
N LEU A 271 -7.43 -9.84 3.68
CA LEU A 271 -6.63 -11.05 3.63
C LEU A 271 -6.36 -11.58 5.04
N LEU A 272 -6.18 -10.67 6.00
CA LEU A 272 -5.87 -11.07 7.37
C LEU A 272 -7.09 -11.60 8.08
N GLN A 273 -8.28 -11.09 7.74
CA GLN A 273 -9.49 -11.53 8.42
C GLN A 273 -10.12 -12.75 7.78
N ASN A 274 -9.88 -12.98 6.48
CA ASN A 274 -10.52 -14.10 5.79
C ASN A 274 -9.57 -15.10 5.13
N GLY A 275 -8.28 -14.78 5.04
CA GLY A 275 -7.35 -15.67 4.40
C GLY A 275 -7.40 -15.57 2.89
N MET A 276 -6.76 -16.54 2.24
CA MET A 276 -6.66 -16.60 0.79
C MET A 276 -7.70 -17.53 0.16
N ASN A 277 -8.45 -18.28 0.96
CA ASN A 277 -9.44 -19.20 0.46
C ASN A 277 -8.82 -20.17 -0.53
N GLY A 278 -7.74 -20.82 -0.10
CA GLY A 278 -7.10 -21.84 -0.93
C GLY A 278 -6.38 -21.32 -2.15
N ARG A 279 -6.23 -20.01 -2.28
CA ARG A 279 -5.54 -19.39 -3.39
C ARG A 279 -4.10 -19.03 -2.99
N THR A 280 -3.32 -18.59 -3.97
CA THR A 280 -1.96 -18.16 -3.73
C THR A 280 -1.74 -16.78 -4.34
N ILE A 281 -0.68 -16.11 -3.86
CA ILE A 281 -0.21 -14.83 -4.40
C ILE A 281 1.25 -15.01 -4.73
N LEU A 282 1.59 -14.80 -6.00
CA LEU A 282 2.97 -14.93 -6.45
C LEU A 282 3.57 -16.27 -6.01
N GLY A 283 2.76 -17.32 -6.11
CA GLY A 283 3.23 -18.67 -5.83
C GLY A 283 3.39 -18.97 -4.37
N SER A 284 2.67 -18.28 -3.51
CA SER A 284 2.86 -18.40 -2.08
C SER A 284 1.51 -18.43 -1.38
N ALA A 285 1.39 -19.32 -0.40
CA ALA A 285 0.20 -19.41 0.45
C ALA A 285 0.30 -18.55 1.71
N LEU A 286 1.47 -17.96 1.98
CA LEU A 286 1.67 -17.03 3.09
C LEU A 286 1.88 -15.62 2.55
N LEU A 287 1.61 -14.63 3.39
CA LEU A 287 1.87 -13.25 3.03
C LEU A 287 3.34 -12.94 3.29
N GLU A 288 4.08 -12.59 2.25
CA GLU A 288 5.53 -12.48 2.31
C GLU A 288 5.97 -11.09 2.78
N ASP A 289 6.91 -11.03 3.73
CA ASP A 289 7.33 -9.74 4.27
C ASP A 289 8.83 -9.53 4.17
N GLU A 290 9.56 -10.25 3.30
CA GLU A 290 10.99 -9.99 3.16
C GLU A 290 11.34 -9.40 1.79
N PHE A 291 10.42 -8.60 1.22
CA PHE A 291 10.74 -7.68 0.13
C PHE A 291 10.44 -6.25 0.59
N THR A 292 11.43 -5.37 0.52
CA THR A 292 11.18 -3.95 0.74
C THR A 292 10.58 -3.27 -0.49
N PRO A 293 10.03 -2.08 -0.33
CA PRO A 293 9.58 -1.34 -1.53
C PRO A 293 10.68 -1.20 -2.58
N PHE A 294 11.92 -0.91 -2.16
CA PHE A 294 12.97 -0.78 -3.16
C PHE A 294 13.35 -2.11 -3.81
N ASP A 295 13.29 -3.21 -3.06
CA ASP A 295 13.50 -4.53 -3.65
C ASP A 295 12.53 -4.78 -4.80
N VAL A 296 11.25 -4.40 -4.62
CA VAL A 296 10.25 -4.59 -5.68
C VAL A 296 10.64 -3.77 -6.92
N VAL A 297 10.99 -2.49 -6.72
CA VAL A 297 11.34 -1.62 -7.85
C VAL A 297 12.60 -2.12 -8.55
N ARG A 298 13.63 -2.48 -7.80
CA ARG A 298 14.85 -2.93 -8.48
C ARG A 298 14.64 -4.18 -9.34
N GLN A 299 13.75 -5.07 -8.90
CA GLN A 299 13.47 -6.27 -9.68
C GLN A 299 12.56 -5.99 -10.85
N CYS A 300 11.45 -5.29 -10.61
CA CYS A 300 10.46 -5.11 -11.66
C CYS A 300 10.87 -4.07 -12.71
N SER A 301 11.86 -3.24 -12.42
CA SER A 301 12.36 -2.30 -13.42
C SER A 301 13.71 -2.68 -14.00
N GLY A 302 14.29 -3.82 -13.61
CA GLY A 302 15.55 -4.25 -14.20
C GLY A 302 16.74 -3.36 -13.91
N VAL A 303 16.82 -2.82 -12.68
CA VAL A 303 18.00 -2.06 -12.29
C VAL A 303 19.24 -2.94 -12.30
N THR A 304 20.36 -2.39 -12.82
CA THR A 304 21.59 -3.17 -12.91
C THR A 304 22.69 -2.51 -12.09
N PHE A 305 23.76 -3.29 -11.92
CA PHE A 305 24.93 -2.88 -11.10
C PHE A 305 26.23 -3.21 -11.87
N SER B 1 -37.05 -9.58 -9.59
CA SER B 1 -36.31 -9.38 -10.83
C SER B 1 -36.97 -8.30 -11.69
N GLY B 2 -36.43 -8.15 -12.88
CA GLY B 2 -36.75 -7.04 -13.75
C GLY B 2 -35.65 -6.01 -13.65
N PHE B 3 -35.57 -5.17 -14.67
CA PHE B 3 -34.55 -4.13 -14.71
C PHE B 3 -35.06 -2.95 -15.51
N ARG B 4 -35.19 -1.81 -14.85
CA ARG B 4 -35.79 -0.59 -15.39
C ARG B 4 -34.81 0.58 -15.27
N LYS B 5 -35.00 1.60 -16.10
CA LYS B 5 -34.28 2.87 -15.95
C LYS B 5 -34.87 3.55 -14.73
N MET B 6 -34.17 3.48 -13.63
CA MET B 6 -34.70 3.82 -12.31
C MET B 6 -34.04 5.11 -11.82
N ALA B 7 -34.85 6.12 -11.48
CA ALA B 7 -34.35 7.35 -10.91
C ALA B 7 -34.37 7.28 -9.39
N PHE B 8 -33.60 8.15 -8.74
CA PHE B 8 -33.71 8.27 -7.30
C PHE B 8 -35.06 8.88 -6.91
N PRO B 9 -35.57 8.57 -5.73
CA PRO B 9 -36.73 9.30 -5.24
C PRO B 9 -36.41 10.79 -5.19
N SER B 10 -37.38 11.62 -5.57
CA SER B 10 -37.12 13.05 -5.78
C SER B 10 -37.59 13.97 -4.69
N GLY B 11 -38.18 13.44 -3.63
CA GLY B 11 -38.84 14.27 -2.64
C GLY B 11 -37.90 15.28 -2.02
N LYS B 12 -36.67 14.86 -1.71
CA LYS B 12 -35.74 15.80 -1.07
C LYS B 12 -35.40 17.00 -1.96
N VAL B 13 -35.32 16.79 -3.26
CA VAL B 13 -35.02 17.88 -4.18
C VAL B 13 -36.26 18.72 -4.49
N GLU B 14 -37.46 18.12 -4.54
CA GLU B 14 -38.67 18.89 -4.81
C GLU B 14 -38.79 20.06 -3.84
N GLY B 15 -38.44 19.84 -2.58
CA GLY B 15 -38.55 20.85 -1.56
C GLY B 15 -37.58 21.99 -1.70
N CYS B 16 -36.67 21.91 -2.66
CA CYS B 16 -35.65 22.93 -2.90
C CYS B 16 -35.89 23.74 -4.16
N MET B 17 -36.93 23.42 -4.93
CA MET B 17 -37.12 24.08 -6.22
C MET B 17 -37.95 25.34 -6.07
N VAL B 18 -37.47 26.44 -6.67
CA VAL B 18 -38.17 27.72 -6.65
C VAL B 18 -38.17 28.33 -8.07
N GLN B 19 -38.98 29.36 -8.23
CA GLN B 19 -39.00 30.11 -9.47
C GLN B 19 -38.21 31.41 -9.31
N VAL B 20 -37.40 31.74 -10.29
CA VAL B 20 -36.66 32.99 -10.32
C VAL B 20 -37.07 33.78 -11.56
N THR B 21 -37.47 35.05 -11.37
CA THR B 21 -37.83 35.94 -12.48
C THR B 21 -37.02 37.22 -12.39
N CYS B 22 -36.43 37.62 -13.51
CA CYS B 22 -35.72 38.89 -13.62
C CYS B 22 -36.30 39.56 -14.86
N GLY B 23 -37.05 40.63 -14.67
CA GLY B 23 -37.71 41.27 -15.78
C GLY B 23 -38.69 40.34 -16.43
N THR B 24 -38.49 40.09 -17.73
CA THR B 24 -39.39 39.27 -18.52
C THR B 24 -38.87 37.83 -18.71
N THR B 25 -37.86 37.43 -17.94
CA THR B 25 -37.24 36.12 -18.09
C THR B 25 -37.47 35.32 -16.82
N THR B 26 -37.94 34.09 -16.98
CA THR B 26 -38.23 33.25 -15.83
C THR B 26 -37.61 31.87 -16.02
N LEU B 27 -37.08 31.32 -14.93
CA LEU B 27 -36.54 29.97 -14.93
C LEU B 27 -36.55 29.44 -13.50
N ASN B 28 -35.91 28.30 -13.28
CA ASN B 28 -35.92 27.65 -11.97
C ASN B 28 -34.66 27.96 -11.20
N GLY B 29 -34.80 27.98 -9.87
CA GLY B 29 -33.67 28.04 -8.97
C GLY B 29 -33.68 26.93 -7.92
N LEU B 30 -32.52 26.71 -7.32
CA LEU B 30 -32.35 25.73 -6.25
C LEU B 30 -32.09 26.47 -4.96
N TRP B 31 -32.95 26.25 -3.97
CA TRP B 31 -32.94 26.99 -2.70
C TRP B 31 -32.37 26.09 -1.62
N LEU B 32 -31.15 26.38 -1.18
CA LEU B 32 -30.44 25.61 -0.16
C LEU B 32 -29.90 26.58 0.88
N ASP B 33 -30.11 26.28 2.15
CA ASP B 33 -29.72 27.26 3.16
C ASP B 33 -30.37 28.59 2.76
N ASP B 34 -29.69 29.70 2.92
CA ASP B 34 -30.27 31.00 2.54
C ASP B 34 -29.78 31.49 1.19
N VAL B 35 -29.51 30.58 0.24
CA VAL B 35 -29.05 30.96 -1.08
C VAL B 35 -29.91 30.25 -2.11
N VAL B 36 -30.25 30.96 -3.18
CA VAL B 36 -30.90 30.40 -4.36
C VAL B 36 -29.90 30.43 -5.51
N TYR B 37 -29.63 29.27 -6.11
CA TYR B 37 -28.73 29.15 -7.24
C TYR B 37 -29.54 29.02 -8.52
N CYS B 38 -29.12 29.72 -9.58
CA CYS B 38 -29.81 29.65 -10.86
C CYS B 38 -28.87 30.04 -12.01
N PRO B 39 -29.25 29.70 -13.26
CA PRO B 39 -28.39 30.07 -14.39
C PRO B 39 -28.28 31.58 -14.52
N ARG B 40 -27.09 32.03 -14.90
CA ARG B 40 -26.90 33.48 -15.00
C ARG B 40 -27.69 34.13 -16.13
N HIS B 41 -28.14 33.38 -17.13
CA HIS B 41 -28.86 34.02 -18.23
C HIS B 41 -30.29 34.41 -17.86
N VAL B 42 -30.69 34.20 -16.61
CA VAL B 42 -31.94 34.80 -16.16
C VAL B 42 -31.89 36.34 -16.30
N ILE B 43 -30.69 36.93 -16.28
CA ILE B 43 -30.57 38.39 -16.38
C ILE B 43 -30.61 38.89 -17.82
N CYS B 44 -30.75 37.99 -18.78
CA CYS B 44 -30.89 38.34 -20.18
C CYS B 44 -32.36 38.54 -20.51
N THR B 45 -32.65 39.51 -21.37
CA THR B 45 -33.92 39.50 -22.09
C THR B 45 -33.74 38.68 -23.37
N SER B 46 -34.86 38.46 -24.07
CA SER B 46 -34.78 37.71 -25.33
C SER B 46 -33.88 38.39 -26.36
N GLU B 47 -33.59 39.67 -26.18
CA GLU B 47 -32.80 40.44 -27.13
C GLU B 47 -31.33 40.54 -26.72
N ASP B 48 -30.95 40.01 -25.56
CA ASP B 48 -29.58 40.12 -25.07
C ASP B 48 -28.80 38.81 -25.20
N MET B 49 -29.31 37.85 -25.98
CA MET B 49 -28.89 36.46 -25.86
C MET B 49 -27.90 36.02 -26.94
N LEU B 50 -27.60 36.86 -27.93
CA LEU B 50 -26.64 36.46 -28.97
C LEU B 50 -25.19 36.52 -28.46
N ASN B 51 -24.83 37.57 -27.74
CA ASN B 51 -23.49 37.69 -27.16
C ASN B 51 -23.59 38.54 -25.90
N PRO B 52 -24.29 38.03 -24.89
CA PRO B 52 -24.45 38.80 -23.64
C PRO B 52 -23.12 39.09 -22.96
N ASN B 53 -22.98 40.31 -22.43
CA ASN B 53 -21.90 40.65 -21.51
C ASN B 53 -22.52 40.56 -20.10
N TYR B 54 -22.37 39.40 -19.45
CA TYR B 54 -23.09 39.18 -18.19
C TYR B 54 -22.63 40.11 -17.08
N GLU B 55 -21.34 40.48 -17.05
CA GLU B 55 -20.84 41.48 -16.11
C GLU B 55 -21.67 42.75 -16.22
N ASP B 56 -21.75 43.29 -17.45
CA ASP B 56 -22.47 44.55 -17.66
C ASP B 56 -23.96 44.40 -17.39
N LEU B 57 -24.56 43.28 -17.81
CA LEU B 57 -25.96 43.06 -17.54
C LEU B 57 -26.23 43.03 -16.03
N LEU B 58 -25.33 42.42 -15.24
CA LEU B 58 -25.58 42.30 -13.82
C LEU B 58 -25.33 43.60 -13.07
N ILE B 59 -24.39 44.42 -13.53
CA ILE B 59 -24.09 45.68 -12.85
C ILE B 59 -25.35 46.54 -12.73
N ARG B 60 -26.21 46.48 -13.74
CA ARG B 60 -27.40 47.32 -13.78
C ARG B 60 -28.59 46.72 -13.02
N LYS B 61 -28.40 45.59 -12.34
CA LYS B 61 -29.45 44.94 -11.58
C LYS B 61 -29.23 45.16 -10.09
N SER B 62 -30.33 45.33 -9.37
CA SER B 62 -30.35 45.47 -7.93
C SER B 62 -31.05 44.25 -7.33
N ASN B 63 -30.93 44.09 -6.01
CA ASN B 63 -31.59 42.97 -5.35
C ASN B 63 -33.06 42.90 -5.72
N HIS B 64 -33.73 44.04 -5.80
CA HIS B 64 -35.18 44.05 -6.01
C HIS B 64 -35.56 43.72 -7.43
N ASN B 65 -34.59 43.60 -8.34
CA ASN B 65 -34.88 43.16 -9.70
C ASN B 65 -35.07 41.66 -9.80
N PHE B 66 -34.87 40.92 -8.72
CA PHE B 66 -34.94 39.46 -8.71
C PHE B 66 -36.14 39.05 -7.87
N LEU B 67 -37.11 38.37 -8.50
CA LEU B 67 -38.32 37.90 -7.85
C LEU B 67 -38.22 36.39 -7.69
N VAL B 68 -38.20 35.93 -6.45
CA VAL B 68 -38.07 34.52 -6.14
C VAL B 68 -39.34 34.04 -5.47
N GLN B 69 -39.93 32.98 -6.05
CA GLN B 69 -41.20 32.44 -5.61
C GLN B 69 -41.00 31.01 -5.12
N ALA B 70 -41.34 30.75 -3.86
CA ALA B 70 -41.27 29.44 -3.25
C ALA B 70 -42.71 29.01 -2.96
N GLY B 71 -43.30 28.29 -3.90
CA GLY B 71 -44.71 27.95 -3.79
C GLY B 71 -45.56 29.20 -3.80
N ASN B 72 -46.22 29.48 -2.68
CA ASN B 72 -47.10 30.63 -2.56
C ASN B 72 -46.46 31.81 -1.83
N VAL B 73 -45.16 31.74 -1.53
CA VAL B 73 -44.49 32.78 -0.76
C VAL B 73 -43.39 33.40 -1.60
N GLN B 74 -43.19 34.70 -1.44
CA GLN B 74 -42.11 35.42 -2.11
C GLN B 74 -40.94 35.53 -1.15
N LEU B 75 -39.75 35.13 -1.61
CA LEU B 75 -38.54 35.24 -0.80
C LEU B 75 -37.79 36.51 -1.17
N ARG B 76 -37.41 37.29 -0.16
CA ARG B 76 -36.78 38.59 -0.39
C ARG B 76 -35.30 38.40 -0.66
N VAL B 77 -34.83 38.87 -1.80
CA VAL B 77 -33.41 38.82 -2.16
C VAL B 77 -32.68 39.95 -1.44
N ILE B 78 -31.65 39.60 -0.68
CA ILE B 78 -30.88 40.58 0.08
C ILE B 78 -29.41 40.61 -0.33
N GLY B 79 -29.07 39.99 -1.46
CA GLY B 79 -27.72 39.97 -1.97
C GLY B 79 -27.65 39.19 -3.27
N HIS B 80 -26.78 39.59 -4.18
CA HIS B 80 -26.61 38.86 -5.42
C HIS B 80 -25.15 38.88 -5.84
N SER B 81 -24.70 37.75 -6.40
CA SER B 81 -23.38 37.68 -6.99
C SER B 81 -23.36 36.59 -8.04
N MET B 82 -22.35 36.63 -8.90
CA MET B 82 -22.23 35.67 -9.96
C MET B 82 -21.02 34.80 -9.62
N GLN B 83 -21.19 33.49 -9.70
CA GLN B 83 -20.09 32.53 -9.63
C GLN B 83 -20.08 31.77 -10.95
N ASN B 84 -19.07 32.03 -11.78
CA ASN B 84 -19.02 31.41 -13.10
C ASN B 84 -20.36 31.61 -13.80
N CYS B 85 -21.01 30.55 -14.29
CA CYS B 85 -22.22 30.71 -15.07
C CYS B 85 -23.48 30.58 -14.22
N VAL B 86 -23.36 30.61 -12.87
CA VAL B 86 -24.55 30.64 -12.02
C VAL B 86 -24.61 31.96 -11.24
N LEU B 87 -25.83 32.38 -10.94
CA LEU B 87 -26.06 33.44 -9.97
C LEU B 87 -26.39 32.84 -8.61
N LYS B 88 -25.86 33.47 -7.57
CA LYS B 88 -26.17 33.15 -6.19
C LYS B 88 -26.98 34.32 -5.64
N LEU B 89 -28.23 34.06 -5.33
CA LEU B 89 -29.11 35.06 -4.72
C LEU B 89 -29.29 34.75 -3.26
N LYS B 90 -28.76 35.62 -2.40
CA LYS B 90 -28.93 35.44 -0.98
C LYS B 90 -30.33 35.93 -0.62
N VAL B 91 -31.07 35.14 0.15
CA VAL B 91 -32.44 35.44 0.52
C VAL B 91 -32.51 35.53 2.05
N ASP B 92 -33.57 36.15 2.53
CA ASP B 92 -33.66 36.42 3.96
C ASP B 92 -34.15 35.25 4.79
N THR B 93 -34.43 34.10 4.17
CA THR B 93 -34.93 32.92 4.87
C THR B 93 -34.17 31.68 4.44
N ALA B 94 -33.65 30.93 5.40
CA ALA B 94 -33.04 29.64 5.09
C ALA B 94 -34.12 28.62 4.81
N ASN B 95 -33.92 27.78 3.80
CA ASN B 95 -34.91 26.78 3.42
C ASN B 95 -35.06 25.72 4.50
N PRO B 96 -36.20 25.65 5.18
CA PRO B 96 -36.34 24.67 6.26
C PRO B 96 -36.27 23.23 5.76
N LYS B 97 -36.43 23.02 4.46
CA LYS B 97 -36.39 21.70 3.86
C LYS B 97 -35.04 21.36 3.24
N THR B 98 -34.00 22.16 3.50
CA THR B 98 -32.66 21.86 2.96
C THR B 98 -32.24 20.47 3.41
N PRO B 99 -31.97 19.54 2.49
CA PRO B 99 -31.44 18.23 2.89
C PRO B 99 -29.96 18.33 3.18
N LYS B 100 -29.42 17.26 3.78
CA LYS B 100 -27.98 17.06 3.74
C LYS B 100 -27.56 16.98 2.28
N TYR B 101 -26.56 17.78 1.90
CA TYR B 101 -26.18 17.86 0.49
C TYR B 101 -24.72 18.25 0.29
N LYS B 102 -24.26 18.06 -0.95
CA LYS B 102 -22.98 18.60 -1.36
C LYS B 102 -23.03 18.80 -2.85
N PHE B 103 -22.15 19.65 -3.33
CA PHE B 103 -21.96 19.89 -4.75
C PHE B 103 -20.81 19.03 -5.25
N VAL B 104 -21.05 18.28 -6.32
CA VAL B 104 -20.03 17.40 -6.89
C VAL B 104 -19.97 17.69 -8.38
N ARG B 105 -18.78 17.54 -8.93
CA ARG B 105 -18.59 17.61 -10.38
C ARG B 105 -18.31 16.20 -10.86
N ILE B 106 -19.13 15.71 -11.78
CA ILE B 106 -19.05 14.34 -12.24
C ILE B 106 -18.20 14.25 -13.49
N GLN B 107 -17.80 13.02 -13.81
CA GLN B 107 -17.07 12.69 -15.01
C GLN B 107 -17.95 12.04 -16.05
N PRO B 108 -17.55 12.09 -17.31
CA PRO B 108 -18.32 11.39 -18.34
C PRO B 108 -18.49 9.91 -18.06
N GLY B 109 -19.70 9.44 -18.30
CA GLY B 109 -20.07 8.08 -18.02
C GLY B 109 -20.88 7.93 -16.75
N GLN B 110 -20.82 8.90 -15.85
N GLN B 110 -20.82 8.90 -15.85
CA GLN B 110 -21.59 8.88 -14.62
CA GLN B 110 -21.59 8.87 -14.63
C GLN B 110 -23.04 9.28 -14.90
C GLN B 110 -23.04 9.27 -14.90
N THR B 111 -23.96 8.64 -14.18
CA THR B 111 -25.39 8.84 -14.32
C THR B 111 -25.93 9.69 -13.20
N PHE B 112 -27.13 10.23 -13.41
CA PHE B 112 -27.80 11.04 -12.39
C PHE B 112 -29.28 11.15 -12.74
N SER B 113 -30.07 11.47 -11.73
CA SER B 113 -31.48 11.72 -11.93
C SER B 113 -31.71 13.20 -12.17
N VAL B 114 -32.61 13.51 -13.09
CA VAL B 114 -33.02 14.87 -13.39
C VAL B 114 -34.43 15.10 -12.85
N LEU B 115 -34.64 16.18 -12.10
CA LEU B 115 -35.98 16.64 -11.77
C LEU B 115 -36.27 17.81 -12.69
N ALA B 116 -37.03 17.53 -13.75
CA ALA B 116 -37.40 18.55 -14.71
C ALA B 116 -38.48 19.45 -14.12
N CYS B 117 -38.25 20.76 -14.19
CA CYS B 117 -39.10 21.76 -13.56
C CYS B 117 -39.40 22.91 -14.51
N TYR B 118 -40.59 23.51 -14.34
CA TYR B 118 -41.02 24.71 -15.04
C TYR B 118 -41.69 25.64 -14.03
N ASN B 119 -41.36 26.92 -14.10
CA ASN B 119 -41.95 27.92 -13.20
C ASN B 119 -41.80 27.52 -11.73
N GLY B 120 -40.67 26.89 -11.39
CA GLY B 120 -40.42 26.44 -10.04
C GLY B 120 -41.15 25.19 -9.58
N SER B 121 -41.94 24.56 -10.45
CA SER B 121 -42.76 23.41 -10.10
C SER B 121 -42.22 22.15 -10.77
N PRO B 122 -41.88 21.13 -9.98
CA PRO B 122 -41.39 19.89 -10.58
C PRO B 122 -42.46 19.25 -11.45
N SER B 123 -42.04 18.79 -12.62
CA SER B 123 -42.96 18.18 -13.55
C SER B 123 -42.66 16.71 -13.83
N GLY B 124 -41.43 16.27 -13.72
CA GLY B 124 -41.13 14.86 -13.93
C GLY B 124 -39.72 14.53 -13.51
N VAL B 125 -39.44 13.23 -13.45
CA VAL B 125 -38.11 12.75 -13.07
C VAL B 125 -37.69 11.66 -14.06
N TYR B 126 -36.43 11.72 -14.46
CA TYR B 126 -35.87 10.68 -15.31
C TYR B 126 -34.38 10.56 -15.05
N GLN B 127 -33.79 9.50 -15.58
CA GLN B 127 -32.39 9.15 -15.39
C GLN B 127 -31.62 9.54 -16.66
N CYS B 128 -30.43 10.08 -16.46
CA CYS B 128 -29.56 10.62 -17.52
C CYS B 128 -28.12 10.13 -17.30
N ALA B 129 -27.29 10.26 -18.30
CA ALA B 129 -25.86 10.04 -18.16
C ALA B 129 -25.12 11.22 -18.78
N MET B 130 -23.99 11.56 -18.18
CA MET B 130 -23.06 12.51 -18.81
C MET B 130 -22.38 11.80 -19.97
N ARG B 131 -22.65 12.23 -21.19
CA ARG B 131 -22.04 11.55 -22.33
C ARG B 131 -20.53 11.84 -22.41
N PRO B 132 -19.77 10.98 -23.09
CA PRO B 132 -18.32 11.28 -23.26
C PRO B 132 -18.04 12.62 -23.91
N ASN B 133 -18.96 13.15 -24.70
CA ASN B 133 -18.78 14.46 -25.31
C ASN B 133 -19.34 15.59 -24.45
N PHE B 134 -19.69 15.28 -23.19
CA PHE B 134 -20.14 16.22 -22.17
C PHE B 134 -21.53 16.78 -22.45
N THR B 135 -22.28 16.20 -23.36
CA THR B 135 -23.68 16.55 -23.44
C THR B 135 -24.52 15.58 -22.62
N ILE B 136 -25.79 15.94 -22.41
CA ILE B 136 -26.73 15.00 -21.83
C ILE B 136 -27.92 14.90 -22.77
N LYS B 137 -28.47 13.70 -22.91
CA LYS B 137 -29.65 13.49 -23.75
C LYS B 137 -30.88 13.61 -22.86
N GLY B 138 -31.23 14.85 -22.54
CA GLY B 138 -32.32 15.14 -21.65
C GLY B 138 -33.65 15.26 -22.39
N SER B 139 -34.67 15.65 -21.62
CA SER B 139 -35.97 16.04 -22.17
C SER B 139 -36.35 17.38 -21.54
N PHE B 140 -36.20 18.47 -22.28
CA PHE B 140 -36.25 19.82 -21.71
C PHE B 140 -36.85 20.76 -22.73
N LEU B 141 -37.73 21.63 -22.27
CA LEU B 141 -38.36 22.68 -23.08
C LEU B 141 -37.97 24.04 -22.55
N ASN B 142 -38.41 25.08 -23.25
CA ASN B 142 -38.14 26.43 -22.76
C ASN B 142 -38.70 26.61 -21.33
N GLY B 143 -37.89 27.23 -20.46
CA GLY B 143 -38.27 27.38 -19.08
C GLY B 143 -37.74 26.33 -18.13
N SER B 144 -37.10 25.28 -18.66
CA SER B 144 -36.52 24.22 -17.85
C SER B 144 -35.15 24.56 -17.26
N ALA B 145 -34.49 25.61 -17.73
CA ALA B 145 -33.19 25.94 -17.15
C ALA B 145 -33.30 26.09 -15.63
N GLY B 146 -32.24 25.70 -14.93
CA GLY B 146 -32.24 25.66 -13.49
C GLY B 146 -32.74 24.36 -12.88
N SER B 147 -33.37 23.48 -13.68
CA SER B 147 -33.59 22.10 -13.27
C SER B 147 -32.25 21.44 -12.94
N VAL B 148 -32.24 20.50 -11.97
CA VAL B 148 -30.99 19.95 -11.50
C VAL B 148 -30.95 18.43 -11.63
N GLY B 149 -29.70 17.95 -11.74
CA GLY B 149 -29.39 16.53 -11.70
C GLY B 149 -28.66 16.19 -10.41
N PHE B 150 -28.95 14.99 -9.90
CA PHE B 150 -28.44 14.61 -8.57
C PHE B 150 -28.34 13.09 -8.45
N ASN B 151 -27.57 12.68 -7.44
CA ASN B 151 -27.49 11.31 -6.94
C ASN B 151 -27.75 11.39 -5.45
N ILE B 152 -28.16 10.28 -4.85
CA ILE B 152 -28.29 10.19 -3.40
C ILE B 152 -27.40 9.08 -2.85
N ASP B 153 -26.80 9.34 -1.68
CA ASP B 153 -26.12 8.32 -0.86
C ASP B 153 -26.69 8.39 0.56
N TYR B 154 -27.51 7.42 0.93
CA TYR B 154 -28.18 7.42 2.23
C TYR B 154 -29.08 8.64 2.40
N ASP B 155 -28.57 9.66 3.09
CA ASP B 155 -29.32 10.90 3.31
C ASP B 155 -28.71 12.09 2.62
N CYS B 156 -27.55 11.92 1.96
CA CYS B 156 -26.85 13.03 1.32
C CYS B 156 -27.15 13.14 -0.17
N VAL B 157 -27.76 14.25 -0.56
CA VAL B 157 -28.02 14.56 -1.95
C VAL B 157 -26.78 15.22 -2.54
N SER B 158 -26.21 14.60 -3.56
CA SER B 158 -25.06 15.15 -4.27
C SER B 158 -25.57 15.78 -5.56
N PHE B 159 -25.60 17.10 -5.61
CA PHE B 159 -26.04 17.83 -6.79
C PHE B 159 -24.87 17.92 -7.76
N CYS B 160 -25.09 17.48 -9.03
CA CYS B 160 -24.01 17.43 -10.02
C CYS B 160 -24.29 18.19 -11.32
N TYR B 161 -25.50 18.67 -11.54
CA TYR B 161 -25.84 19.24 -12.84
C TYR B 161 -26.91 20.30 -12.65
N MET B 162 -26.73 21.46 -13.31
CA MET B 162 -27.83 22.41 -13.43
C MET B 162 -28.01 22.71 -14.91
N HIS B 163 -29.27 22.67 -15.35
CA HIS B 163 -29.53 22.73 -16.77
C HIS B 163 -29.48 24.17 -17.26
N HIS B 164 -28.84 24.37 -18.44
CA HIS B 164 -28.80 25.71 -19.05
C HIS B 164 -29.44 25.79 -20.43
N MET B 165 -29.18 24.85 -21.36
CA MET B 165 -29.46 25.18 -22.75
C MET B 165 -29.57 23.91 -23.58
N GLU B 166 -30.05 24.07 -24.82
CA GLU B 166 -30.19 22.99 -25.78
C GLU B 166 -29.35 23.29 -27.03
N LEU B 167 -28.56 22.33 -27.45
CA LEU B 167 -27.78 22.47 -28.66
C LEU B 167 -28.64 22.25 -29.89
N PRO B 168 -28.19 22.71 -31.06
CA PRO B 168 -28.99 22.53 -32.27
C PRO B 168 -29.35 21.09 -32.57
N THR B 169 -28.55 20.13 -32.15
CA THR B 169 -28.88 18.72 -32.37
C THR B 169 -29.96 18.16 -31.43
N GLY B 170 -30.44 18.94 -30.46
CA GLY B 170 -31.48 18.53 -29.54
C GLY B 170 -30.95 17.95 -28.25
N VAL B 171 -29.64 17.83 -28.08
CA VAL B 171 -29.10 17.36 -26.82
C VAL B 171 -28.86 18.59 -25.93
N HIS B 172 -28.49 18.36 -24.68
CA HIS B 172 -28.50 19.40 -23.66
C HIS B 172 -27.15 19.64 -23.03
N ALA B 173 -26.98 20.88 -22.55
CA ALA B 173 -25.73 21.29 -21.90
C ALA B 173 -26.01 22.13 -20.67
N GLY B 174 -25.16 21.98 -19.68
CA GLY B 174 -25.26 22.75 -18.47
C GLY B 174 -23.97 22.71 -17.66
N THR B 175 -24.11 23.03 -16.36
CA THR B 175 -22.98 23.28 -15.48
C THR B 175 -23.07 22.42 -14.24
N ASP B 176 -21.95 22.38 -13.50
CA ASP B 176 -22.02 21.95 -12.11
C ASP B 176 -22.64 23.07 -11.27
N LEU B 177 -22.81 22.83 -9.97
CA LEU B 177 -23.52 23.83 -9.18
C LEU B 177 -22.63 24.98 -8.77
N GLU B 178 -21.33 24.93 -9.13
CA GLU B 178 -20.44 26.08 -9.04
C GLU B 178 -20.39 26.87 -10.37
N GLY B 179 -21.23 26.53 -11.35
CA GLY B 179 -21.28 27.31 -12.57
C GLY B 179 -20.26 26.98 -13.64
N ASN B 180 -19.52 25.87 -13.51
CA ASN B 180 -18.55 25.46 -14.51
C ASN B 180 -19.23 24.58 -15.55
N PHE B 181 -19.09 24.95 -16.82
CA PHE B 181 -19.75 24.16 -17.86
C PHE B 181 -19.13 22.77 -17.88
N TYR B 182 -19.96 21.78 -18.21
CA TYR B 182 -19.50 20.50 -18.71
C TYR B 182 -19.42 20.65 -20.22
N GLY B 183 -18.24 20.41 -20.79
CA GLY B 183 -18.02 20.41 -22.24
C GLY B 183 -17.63 21.77 -22.77
N PRO B 184 -17.24 21.82 -24.02
CA PRO B 184 -16.71 23.04 -24.66
C PRO B 184 -17.80 23.94 -25.24
N PHE B 185 -18.67 24.41 -24.35
CA PHE B 185 -19.86 25.18 -24.70
C PHE B 185 -19.91 26.47 -23.90
N VAL B 186 -20.63 27.46 -24.45
CA VAL B 186 -20.79 28.76 -23.79
C VAL B 186 -22.25 29.17 -23.78
N ASP B 187 -22.67 29.91 -22.76
CA ASP B 187 -24.10 30.25 -22.62
C ASP B 187 -24.44 31.49 -23.45
N ARG B 188 -24.57 31.25 -24.76
CA ARG B 188 -25.04 32.26 -25.69
C ARG B 188 -25.67 31.54 -26.88
N GLN B 189 -26.55 32.24 -27.59
CA GLN B 189 -27.34 31.61 -28.67
C GLN B 189 -26.63 31.78 -30.03
N THR B 190 -25.58 30.99 -30.19
CA THR B 190 -24.77 30.86 -31.40
C THR B 190 -24.76 29.38 -31.78
N ALA B 191 -24.33 29.10 -33.01
CA ALA B 191 -24.18 27.71 -33.44
C ALA B 191 -22.98 27.07 -32.73
N GLN B 192 -23.26 25.99 -31.99
CA GLN B 192 -22.26 25.28 -31.20
C GLN B 192 -22.47 23.78 -31.38
N ALA B 193 -21.39 23.04 -31.50
CA ALA B 193 -21.46 21.61 -31.75
C ALA B 193 -20.56 20.86 -30.78
N ALA B 194 -21.06 19.72 -30.35
CA ALA B 194 -20.29 18.83 -29.51
C ALA B 194 -19.45 17.88 -30.37
N GLY B 195 -18.40 17.37 -29.75
CA GLY B 195 -17.63 16.33 -30.40
C GLY B 195 -18.46 15.09 -30.66
N THR B 196 -17.97 14.25 -31.57
CA THR B 196 -18.64 13.00 -31.88
C THR B 196 -18.70 12.14 -30.61
N ASP B 197 -19.89 11.66 -30.30
CA ASP B 197 -20.07 10.92 -29.06
C ASP B 197 -19.61 9.49 -29.27
N THR B 198 -19.39 8.83 -28.16
CA THR B 198 -18.91 7.47 -28.09
C THR B 198 -19.74 6.73 -27.06
N THR B 199 -19.64 5.40 -27.08
CA THR B 199 -20.38 4.54 -26.17
C THR B 199 -19.59 4.25 -24.89
N ILE B 200 -20.30 4.28 -23.77
CA ILE B 200 -19.67 4.15 -22.47
C ILE B 200 -19.49 2.67 -22.16
N THR B 201 -18.31 2.13 -22.47
CA THR B 201 -18.09 0.68 -22.45
C THR B 201 -18.32 0.06 -21.09
N VAL B 202 -17.77 0.66 -20.02
CA VAL B 202 -17.93 0.07 -18.68
C VAL B 202 -19.40 -0.05 -18.30
N ASN B 203 -20.22 0.89 -18.76
CA ASN B 203 -21.64 0.83 -18.45
C ASN B 203 -22.32 -0.27 -19.25
N VAL B 204 -21.93 -0.46 -20.53
CA VAL B 204 -22.51 -1.56 -21.29
C VAL B 204 -22.25 -2.89 -20.58
N LEU B 205 -21.02 -3.06 -20.09
CA LEU B 205 -20.67 -4.29 -19.38
C LEU B 205 -21.49 -4.43 -18.10
N ALA B 206 -21.70 -3.34 -17.36
CA ALA B 206 -22.56 -3.41 -16.18
C ALA B 206 -23.98 -3.89 -16.52
N TRP B 207 -24.50 -3.38 -17.65
CA TRP B 207 -25.83 -3.74 -18.09
C TRP B 207 -25.89 -5.20 -18.54
N LEU B 208 -24.82 -5.71 -19.15
CA LEU B 208 -24.79 -7.13 -19.47
C LEU B 208 -24.81 -7.98 -18.20
N TYR B 209 -24.14 -7.52 -17.15
CA TYR B 209 -24.23 -8.20 -15.86
C TYR B 209 -25.64 -8.15 -15.30
N ALA B 210 -26.30 -7.01 -15.45
CA ALA B 210 -27.71 -6.93 -15.04
C ALA B 210 -28.57 -7.95 -15.79
N ALA B 211 -28.28 -8.14 -17.08
CA ALA B 211 -29.04 -9.09 -17.88
C ALA B 211 -28.85 -10.50 -17.35
N VAL B 212 -27.59 -10.84 -16.99
CA VAL B 212 -27.30 -12.16 -16.44
C VAL B 212 -28.01 -12.36 -15.10
N ILE B 213 -27.98 -11.34 -14.24
CA ILE B 213 -28.69 -11.41 -12.96
C ILE B 213 -30.15 -11.72 -13.19
N ASN B 214 -30.72 -11.17 -14.28
CA ASN B 214 -32.14 -11.33 -14.60
C ASN B 214 -32.44 -12.52 -15.51
N GLY B 215 -31.49 -13.41 -15.75
CA GLY B 215 -31.71 -14.64 -16.47
C GLY B 215 -31.39 -14.64 -17.95
N ASP B 216 -31.02 -13.50 -18.54
CA ASP B 216 -30.58 -13.46 -19.93
C ASP B 216 -29.11 -13.90 -19.99
N ARG B 217 -28.86 -15.00 -20.70
CA ARG B 217 -27.52 -15.53 -20.78
C ARG B 217 -27.09 -15.93 -22.18
N TRP B 218 -27.91 -15.68 -23.20
CA TRP B 218 -27.62 -16.23 -24.53
C TRP B 218 -26.33 -15.66 -25.11
N PHE B 219 -25.94 -14.46 -24.71
CA PHE B 219 -24.74 -13.82 -25.26
C PHE B 219 -23.46 -14.27 -24.58
N LEU B 220 -23.55 -15.08 -23.52
CA LEU B 220 -22.36 -15.59 -22.87
C LEU B 220 -21.69 -16.62 -23.78
N ASN B 221 -20.35 -16.60 -23.83
CA ASN B 221 -19.63 -17.43 -24.81
C ASN B 221 -18.43 -18.04 -24.10
N ARG B 222 -17.74 -18.93 -24.80
CA ARG B 222 -16.62 -19.67 -24.23
C ARG B 222 -15.28 -18.99 -24.46
N PHE B 223 -15.26 -17.83 -25.08
CA PHE B 223 -14.00 -17.16 -25.40
C PHE B 223 -13.58 -16.24 -24.26
N THR B 224 -12.31 -15.85 -24.29
CA THR B 224 -11.80 -14.85 -23.36
C THR B 224 -10.92 -13.88 -24.12
N THR B 225 -10.49 -12.83 -23.42
CA THR B 225 -9.73 -11.76 -24.06
C THR B 225 -8.87 -11.09 -23.00
N THR B 226 -7.81 -10.44 -23.46
CA THR B 226 -7.09 -9.50 -22.62
C THR B 226 -7.72 -8.13 -22.77
N LEU B 227 -7.43 -7.24 -21.80
CA LEU B 227 -7.92 -5.87 -21.89
C LEU B 227 -7.40 -5.17 -23.14
N ASN B 228 -6.10 -5.33 -23.43
CA ASN B 228 -5.53 -4.67 -24.59
C ASN B 228 -6.20 -5.13 -25.87
N ASP B 229 -6.43 -6.43 -26.01
CA ASP B 229 -6.99 -6.95 -27.24
C ASP B 229 -8.45 -6.54 -27.39
N PHE B 230 -9.19 -6.48 -26.28
CA PHE B 230 -10.56 -6.00 -26.33
C PHE B 230 -10.62 -4.56 -26.84
N ASN B 231 -9.78 -3.67 -26.27
CA ASN B 231 -9.80 -2.26 -26.65
C ASN B 231 -9.42 -2.06 -28.11
N LEU B 232 -8.54 -2.89 -28.63
CA LEU B 232 -8.11 -2.72 -30.01
C LEU B 232 -9.27 -3.04 -30.98
N VAL B 233 -10.08 -4.04 -30.64
CA VAL B 233 -11.23 -4.40 -31.45
C VAL B 233 -12.35 -3.39 -31.28
N ALA B 234 -12.61 -2.94 -30.05
CA ALA B 234 -13.80 -2.13 -29.79
C ALA B 234 -13.65 -0.67 -30.25
N MET B 235 -12.44 -0.19 -30.46
CA MET B 235 -12.32 1.23 -30.79
C MET B 235 -12.95 1.56 -32.14
N LYS B 236 -12.98 0.62 -33.08
CA LYS B 236 -13.58 0.95 -34.36
C LYS B 236 -15.10 1.00 -34.30
N TYR B 237 -15.71 0.47 -33.23
CA TYR B 237 -17.14 0.61 -33.01
C TYR B 237 -17.48 1.84 -32.20
N ASN B 238 -16.51 2.75 -32.01
CA ASN B 238 -16.69 4.04 -31.33
C ASN B 238 -17.06 3.83 -29.87
N TYR B 239 -16.40 2.87 -29.24
CA TYR B 239 -16.52 2.59 -27.82
C TYR B 239 -15.35 3.27 -27.09
N GLU B 240 -15.66 3.82 -25.92
CA GLU B 240 -14.65 4.41 -25.07
C GLU B 240 -13.63 3.34 -24.64
N PRO B 241 -12.38 3.73 -24.42
CA PRO B 241 -11.42 2.77 -23.84
C PRO B 241 -11.93 2.22 -22.52
N LEU B 242 -11.72 0.94 -22.30
CA LEU B 242 -11.93 0.31 -21.00
C LEU B 242 -10.63 0.30 -20.24
N THR B 243 -10.62 0.86 -19.03
CA THR B 243 -9.40 0.93 -18.25
C THR B 243 -9.34 -0.20 -17.22
N GLN B 244 -8.16 -0.40 -16.65
CA GLN B 244 -8.02 -1.37 -15.56
C GLN B 244 -8.87 -0.97 -14.36
N ASP B 245 -8.99 0.33 -14.10
CA ASP B 245 -9.90 0.76 -13.03
C ASP B 245 -11.32 0.32 -13.31
N HIS B 246 -11.77 0.44 -14.56
CA HIS B 246 -13.10 -0.05 -14.90
C HIS B 246 -13.25 -1.56 -14.64
N VAL B 247 -12.25 -2.36 -15.05
CA VAL B 247 -12.28 -3.79 -14.73
C VAL B 247 -12.41 -4.01 -13.22
N ASP B 248 -11.67 -3.24 -12.43
CA ASP B 248 -11.73 -3.37 -10.97
C ASP B 248 -13.10 -2.99 -10.44
N ILE B 249 -13.68 -1.93 -10.97
CA ILE B 249 -15.02 -1.51 -10.56
C ILE B 249 -16.07 -2.57 -10.83
N LEU B 250 -15.88 -3.38 -11.88
CA LEU B 250 -16.83 -4.45 -12.20
C LEU B 250 -16.66 -5.72 -11.37
N GLY B 251 -15.71 -5.72 -10.44
CA GLY B 251 -15.44 -6.87 -9.61
C GLY B 251 -16.65 -7.40 -8.84
N PRO B 252 -17.37 -6.53 -8.13
CA PRO B 252 -18.53 -7.03 -7.35
C PRO B 252 -19.59 -7.69 -8.21
N LEU B 253 -19.92 -7.12 -9.37
CA LEU B 253 -20.87 -7.78 -10.26
C LEU B 253 -20.32 -9.10 -10.78
N SER B 254 -19.01 -9.15 -11.05
CA SER B 254 -18.38 -10.40 -11.49
C SER B 254 -18.48 -11.46 -10.40
N ALA B 255 -18.24 -11.08 -9.16
CA ALA B 255 -18.33 -12.03 -8.06
C ALA B 255 -19.74 -12.54 -7.86
N GLN B 256 -20.73 -11.66 -8.01
CA GLN B 256 -22.12 -12.05 -7.83
C GLN B 256 -22.57 -13.07 -8.88
N THR B 257 -22.17 -12.89 -10.13
CA THR B 257 -22.67 -13.72 -11.22
C THR B 257 -21.78 -14.89 -11.58
N GLY B 258 -20.55 -14.91 -11.10
CA GLY B 258 -19.59 -15.92 -11.49
C GLY B 258 -19.00 -15.76 -12.87
N ILE B 259 -19.20 -14.62 -13.50
CA ILE B 259 -18.71 -14.37 -14.85
C ILE B 259 -17.51 -13.42 -14.74
N ALA B 260 -16.32 -13.93 -15.07
CA ALA B 260 -15.12 -13.10 -15.00
C ALA B 260 -15.26 -11.87 -15.88
N VAL B 261 -14.70 -10.74 -15.43
CA VAL B 261 -14.88 -9.49 -16.16
C VAL B 261 -14.39 -9.63 -17.59
N LEU B 262 -13.21 -10.22 -17.79
CA LEU B 262 -12.65 -10.34 -19.14
C LEU B 262 -13.44 -11.33 -19.96
N ASP B 263 -14.16 -12.26 -19.32
CA ASP B 263 -15.07 -13.11 -20.09
C ASP B 263 -16.28 -12.32 -20.57
N MET B 264 -16.81 -11.42 -19.75
CA MET B 264 -17.90 -10.58 -20.23
C MET B 264 -17.41 -9.63 -21.33
N CYS B 265 -16.16 -9.18 -21.25
CA CYS B 265 -15.59 -8.41 -22.36
C CYS B 265 -15.57 -9.24 -23.65
N ALA B 266 -15.28 -10.54 -23.53
CA ALA B 266 -15.31 -11.41 -24.71
C ALA B 266 -16.71 -11.57 -25.26
N SER B 267 -17.72 -11.57 -24.38
CA SER B 267 -19.10 -11.57 -24.85
C SER B 267 -19.44 -10.29 -25.58
N LEU B 268 -19.07 -9.15 -25.02
CA LEU B 268 -19.35 -7.88 -25.66
C LEU B 268 -18.62 -7.80 -26.99
N LYS B 269 -17.37 -8.26 -27.04
CA LYS B 269 -16.64 -8.24 -28.30
C LYS B 269 -17.40 -8.98 -29.39
N GLU B 270 -17.94 -10.16 -29.08
CA GLU B 270 -18.70 -10.92 -30.09
C GLU B 270 -19.99 -10.21 -30.46
N LEU B 271 -20.63 -9.53 -29.52
CA LEU B 271 -21.85 -8.79 -29.86
C LEU B 271 -21.55 -7.64 -30.80
N LEU B 272 -20.41 -6.97 -30.62
CA LEU B 272 -20.02 -5.90 -31.53
C LEU B 272 -19.67 -6.45 -32.90
N GLN B 273 -18.98 -7.58 -32.96
CA GLN B 273 -18.58 -8.14 -34.25
C GLN B 273 -19.77 -8.65 -35.04
N ASN B 274 -20.71 -9.33 -34.37
CA ASN B 274 -21.75 -10.06 -35.09
C ASN B 274 -23.17 -9.55 -34.87
N GLY B 275 -23.36 -8.53 -34.03
CA GLY B 275 -24.69 -8.08 -33.75
C GLY B 275 -25.47 -9.04 -32.84
N MET B 276 -26.76 -8.73 -32.71
CA MET B 276 -27.65 -9.47 -31.83
C MET B 276 -28.43 -10.58 -32.53
N ASN B 277 -28.34 -10.68 -33.86
CA ASN B 277 -29.06 -11.70 -34.61
C ASN B 277 -30.55 -11.69 -34.28
N GLY B 278 -31.12 -10.48 -34.29
CA GLY B 278 -32.55 -10.34 -34.09
C GLY B 278 -33.04 -10.58 -32.69
N ARG B 279 -32.15 -10.83 -31.74
CA ARG B 279 -32.53 -11.03 -30.35
C ARG B 279 -32.45 -9.71 -29.59
N THR B 280 -33.00 -9.71 -28.38
CA THR B 280 -32.93 -8.54 -27.52
C THR B 280 -32.32 -8.92 -26.16
N ILE B 281 -31.86 -7.90 -25.44
CA ILE B 281 -31.30 -8.05 -24.09
C ILE B 281 -32.05 -7.07 -23.18
N LEU B 282 -32.68 -7.59 -22.14
CA LEU B 282 -33.44 -6.75 -21.22
C LEU B 282 -34.37 -5.80 -21.98
N GLY B 283 -35.02 -6.35 -23.00
CA GLY B 283 -36.00 -5.61 -23.77
C GLY B 283 -35.45 -4.59 -24.72
N SER B 284 -34.14 -4.61 -24.98
CA SER B 284 -33.51 -3.62 -25.86
C SER B 284 -32.88 -4.30 -27.06
N ALA B 285 -33.00 -3.65 -28.22
CA ALA B 285 -32.28 -4.04 -29.43
C ALA B 285 -30.95 -3.33 -29.56
N LEU B 286 -30.68 -2.34 -28.71
CA LEU B 286 -29.40 -1.67 -28.67
C LEU B 286 -28.65 -2.06 -27.39
N LEU B 287 -27.33 -1.89 -27.39
CA LEU B 287 -26.54 -2.10 -26.18
C LEU B 287 -26.59 -0.85 -25.31
N GLU B 288 -27.21 -0.99 -24.15
CA GLU B 288 -27.52 0.15 -23.30
C GLU B 288 -26.29 0.57 -22.51
N ASP B 289 -26.01 1.88 -22.47
CA ASP B 289 -24.82 2.38 -21.78
C ASP B 289 -25.14 3.48 -20.76
N GLU B 290 -26.37 3.58 -20.25
CA GLU B 290 -26.62 4.59 -19.23
C GLU B 290 -26.98 3.96 -17.87
N PHE B 291 -26.44 2.78 -17.55
CA PHE B 291 -26.39 2.24 -16.19
C PHE B 291 -24.93 2.05 -15.80
N THR B 292 -24.52 2.65 -14.68
CA THR B 292 -23.20 2.41 -14.13
C THR B 292 -23.18 1.09 -13.37
N PRO B 293 -21.98 0.58 -13.06
CA PRO B 293 -21.90 -0.60 -12.18
C PRO B 293 -22.61 -0.39 -10.86
N PHE B 294 -22.50 0.80 -10.25
CA PHE B 294 -23.23 1.03 -9.00
C PHE B 294 -24.74 1.07 -9.20
N ASP B 295 -25.19 1.65 -10.32
CA ASP B 295 -26.62 1.65 -10.63
C ASP B 295 -27.18 0.22 -10.63
N VAL B 296 -26.45 -0.73 -11.23
CA VAL B 296 -26.94 -2.10 -11.31
C VAL B 296 -27.08 -2.68 -9.91
N VAL B 297 -26.06 -2.47 -9.07
CA VAL B 297 -26.09 -3.05 -7.73
C VAL B 297 -27.19 -2.42 -6.89
N ARG B 298 -27.35 -1.09 -6.97
CA ARG B 298 -28.38 -0.48 -6.14
C ARG B 298 -29.79 -0.95 -6.52
N GLN B 299 -30.03 -1.23 -7.79
CA GLN B 299 -31.34 -1.66 -8.23
C GLN B 299 -31.57 -3.12 -7.87
N CYS B 300 -30.60 -3.96 -8.18
CA CYS B 300 -30.78 -5.39 -8.00
C CYS B 300 -30.61 -5.85 -6.55
N SER B 301 -30.10 -5.00 -5.67
CA SER B 301 -30.00 -5.30 -4.25
C SER B 301 -31.00 -4.52 -3.41
N GLY B 302 -31.80 -3.65 -3.99
CA GLY B 302 -32.87 -2.99 -3.27
C GLY B 302 -32.39 -1.95 -2.26
N VAL B 303 -31.33 -1.23 -2.61
CA VAL B 303 -30.84 -0.18 -1.72
C VAL B 303 -31.89 0.92 -1.60
N THR B 304 -32.07 1.44 -0.38
CA THR B 304 -33.07 2.47 -0.12
C THR B 304 -32.43 3.74 0.43
N PHE B 305 -33.25 4.80 0.49
CA PHE B 305 -32.82 6.16 0.87
C PHE B 305 -33.93 6.79 1.72
N SER C 1 21.94 -24.46 11.07
CA SER C 1 20.50 -24.65 10.83
C SER C 1 19.95 -23.62 9.85
N GLY C 2 18.71 -23.86 9.43
CA GLY C 2 18.03 -23.03 8.47
C GLY C 2 18.06 -23.66 7.08
N PHE C 3 17.20 -23.16 6.20
CA PHE C 3 17.17 -23.68 4.84
C PHE C 3 16.59 -22.61 3.92
N ARG C 4 17.40 -22.19 2.95
CA ARG C 4 17.05 -21.09 2.07
C ARG C 4 17.22 -21.52 0.61
N LYS C 5 16.49 -20.85 -0.27
CA LYS C 5 16.65 -21.03 -1.71
C LYS C 5 17.94 -20.31 -2.08
N MET C 6 19.03 -21.07 -2.17
CA MET C 6 20.38 -20.53 -2.26
C MET C 6 20.88 -20.66 -3.69
N ALA C 7 21.37 -19.55 -4.21
CA ALA C 7 21.98 -19.52 -5.53
C ALA C 7 23.49 -19.69 -5.42
N PHE C 8 24.11 -19.98 -6.54
CA PHE C 8 25.56 -20.00 -6.56
C PHE C 8 26.11 -18.57 -6.63
N PRO C 9 27.30 -18.35 -6.07
CA PRO C 9 27.94 -17.03 -6.24
C PRO C 9 28.10 -16.73 -7.72
N SER C 10 27.81 -15.50 -8.09
CA SER C 10 27.68 -15.13 -9.49
C SER C 10 28.93 -14.54 -10.12
N GLY C 11 30.01 -14.35 -9.35
CA GLY C 11 31.16 -13.58 -9.83
C GLY C 11 31.74 -14.13 -11.12
N LYS C 12 31.91 -15.45 -11.19
CA LYS C 12 32.54 -16.05 -12.36
C LYS C 12 31.70 -15.84 -13.60
N VAL C 13 30.38 -15.78 -13.46
CA VAL C 13 29.52 -15.53 -14.63
C VAL C 13 29.45 -14.03 -14.98
N GLU C 14 29.43 -13.15 -13.96
CA GLU C 14 29.46 -11.71 -14.19
C GLU C 14 30.58 -11.33 -15.14
N GLY C 15 31.75 -11.95 -15.02
CA GLY C 15 32.88 -11.57 -15.83
C GLY C 15 32.78 -12.01 -17.26
N CYS C 16 31.71 -12.73 -17.61
CA CYS C 16 31.45 -13.15 -18.99
C CYS C 16 30.33 -12.41 -19.70
N MET C 17 29.62 -11.52 -19.02
CA MET C 17 28.43 -10.91 -19.60
C MET C 17 28.83 -9.70 -20.46
N VAL C 18 28.29 -9.64 -21.68
CA VAL C 18 28.47 -8.52 -22.58
C VAL C 18 27.12 -8.15 -23.21
N GLN C 19 27.12 -7.04 -23.92
CA GLN C 19 25.94 -6.55 -24.62
C GLN C 19 26.15 -6.73 -26.11
N VAL C 20 25.11 -7.19 -26.81
CA VAL C 20 25.13 -7.38 -28.26
C VAL C 20 24.01 -6.56 -28.87
N THR C 21 24.33 -5.71 -29.84
CA THR C 21 23.33 -4.89 -30.52
C THR C 21 23.42 -5.16 -32.02
N CYS C 22 22.28 -5.38 -32.66
CA CYS C 22 22.15 -5.50 -34.10
C CYS C 22 20.98 -4.59 -34.48
N GLY C 23 21.26 -3.54 -35.25
CA GLY C 23 20.21 -2.56 -35.55
C GLY C 23 19.83 -1.78 -34.30
N THR C 24 18.55 -1.78 -33.98
CA THR C 24 18.07 -1.15 -32.76
C THR C 24 17.79 -2.17 -31.65
N THR C 25 18.09 -3.45 -31.88
CA THR C 25 17.83 -4.50 -30.92
C THR C 25 19.06 -4.80 -30.06
N THR C 26 18.89 -4.78 -28.75
CA THR C 26 20.00 -5.06 -27.85
C THR C 26 19.60 -6.18 -26.91
N LEU C 27 20.51 -7.10 -26.69
CA LEU C 27 20.35 -8.10 -25.64
C LEU C 27 21.71 -8.50 -25.09
N ASN C 28 21.74 -9.55 -24.25
CA ASN C 28 22.96 -9.99 -23.59
C ASN C 28 23.66 -11.09 -24.36
N GLY C 29 24.98 -11.11 -24.25
CA GLY C 29 25.75 -12.24 -24.71
C GLY C 29 26.70 -12.78 -23.65
N LEU C 30 27.19 -13.99 -23.91
CA LEU C 30 28.11 -14.69 -23.02
C LEU C 30 29.45 -14.83 -23.74
N TRP C 31 30.49 -14.23 -23.16
CA TRP C 31 31.82 -14.11 -23.75
C TRP C 31 32.76 -15.10 -23.06
N LEU C 32 33.10 -16.16 -23.77
CA LEU C 32 33.99 -17.20 -23.29
C LEU C 32 35.10 -17.38 -24.32
N ASP C 33 36.35 -17.35 -23.87
CA ASP C 33 37.49 -17.35 -24.82
C ASP C 33 37.21 -16.27 -25.87
N ASP C 34 37.31 -16.55 -27.18
CA ASP C 34 37.11 -15.52 -28.18
C ASP C 34 35.77 -15.67 -28.91
N VAL C 35 34.75 -16.19 -28.25
CA VAL C 35 33.43 -16.31 -28.84
C VAL C 35 32.41 -15.67 -27.91
N VAL C 36 31.45 -14.95 -28.49
CA VAL C 36 30.28 -14.44 -27.78
C VAL C 36 29.05 -15.22 -28.24
N TYR C 37 28.34 -15.86 -27.30
CA TYR C 37 27.11 -16.60 -27.57
C TYR C 37 25.91 -15.72 -27.25
N CYS C 38 24.94 -15.63 -28.16
CA CYS C 38 23.72 -14.87 -27.87
C CYS C 38 22.51 -15.41 -28.61
N PRO C 39 21.30 -15.03 -28.20
CA PRO C 39 20.11 -15.52 -28.91
C PRO C 39 20.06 -14.96 -30.32
N ARG C 40 19.65 -15.79 -31.27
CA ARG C 40 19.68 -15.34 -32.66
C ARG C 40 18.65 -14.27 -32.97
N HIS C 41 17.64 -14.09 -32.14
CA HIS C 41 16.65 -13.08 -32.49
C HIS C 41 17.16 -11.63 -32.27
N VAL C 42 18.42 -11.45 -31.93
CA VAL C 42 19.01 -10.12 -31.98
C VAL C 42 19.00 -9.55 -33.40
N ILE C 43 18.92 -10.40 -34.43
CA ILE C 43 18.92 -9.90 -35.80
C ILE C 43 17.51 -9.62 -36.33
N CYS C 44 16.48 -9.82 -35.51
CA CYS C 44 15.11 -9.57 -35.95
C CYS C 44 14.79 -8.08 -35.88
N THR C 45 13.93 -7.62 -36.80
CA THR C 45 13.24 -6.34 -36.70
C THR C 45 11.76 -6.60 -36.34
N SER C 46 10.97 -5.52 -36.36
CA SER C 46 9.54 -5.66 -36.05
C SER C 46 8.77 -6.44 -37.10
N GLU C 47 9.26 -6.54 -38.33
CA GLU C 47 8.65 -7.38 -39.35
C GLU C 47 9.04 -8.86 -39.23
N ASP C 48 9.92 -9.22 -38.31
CA ASP C 48 10.54 -10.54 -38.26
C ASP C 48 10.20 -11.30 -37.00
N MET C 49 9.05 -11.00 -36.39
CA MET C 49 8.81 -11.61 -35.10
C MET C 49 7.86 -12.80 -35.17
N LEU C 50 7.04 -12.93 -36.22
CA LEU C 50 6.10 -14.05 -36.28
C LEU C 50 6.66 -15.24 -37.04
N ASN C 51 7.29 -14.98 -38.19
CA ASN C 51 7.80 -16.05 -39.04
C ASN C 51 9.15 -15.68 -39.63
N PRO C 52 10.12 -15.32 -38.78
CA PRO C 52 11.45 -14.98 -39.29
C PRO C 52 12.11 -16.18 -39.94
N ASN C 53 12.76 -15.96 -41.08
CA ASN C 53 13.67 -16.95 -41.64
C ASN C 53 15.07 -16.52 -41.23
N TYR C 54 15.59 -17.13 -40.17
CA TYR C 54 16.84 -16.65 -39.59
C TYR C 54 18.02 -16.81 -40.55
N GLU C 55 18.05 -17.90 -41.34
CA GLU C 55 19.10 -18.06 -42.35
C GLU C 55 19.14 -16.88 -43.32
N ASP C 56 17.96 -16.44 -43.75
CA ASP C 56 17.86 -15.32 -44.67
C ASP C 56 18.18 -14.00 -44.00
N LEU C 57 17.75 -13.81 -42.75
CA LEU C 57 18.09 -12.58 -42.05
C LEU C 57 19.59 -12.47 -41.82
N LEU C 58 20.24 -13.60 -41.51
CA LEU C 58 21.66 -13.56 -41.15
C LEU C 58 22.57 -13.37 -42.36
N ILE C 59 22.21 -13.95 -43.52
CA ILE C 59 23.08 -13.83 -44.68
C ILE C 59 23.22 -12.36 -45.11
N ARG C 60 22.27 -11.50 -44.69
CA ARG C 60 22.22 -10.08 -45.04
C ARG C 60 23.07 -9.25 -44.09
N LYS C 61 23.71 -9.88 -43.13
CA LYS C 61 24.50 -9.16 -42.15
C LYS C 61 25.98 -9.41 -42.36
N SER C 62 26.78 -8.35 -42.12
CA SER C 62 28.23 -8.41 -42.05
C SER C 62 28.68 -8.41 -40.60
N ASN C 63 29.94 -8.80 -40.38
CA ASN C 63 30.51 -8.77 -39.04
C ASN C 63 30.30 -7.41 -38.36
N HIS C 64 30.46 -6.32 -39.09
CA HIS C 64 30.40 -5.00 -38.48
C HIS C 64 28.97 -4.55 -38.19
N ASN C 65 27.98 -5.37 -38.56
CA ASN C 65 26.62 -5.07 -38.15
C ASN C 65 26.35 -5.49 -36.70
N PHE C 66 27.26 -6.24 -36.06
CA PHE C 66 27.12 -6.67 -34.67
C PHE C 66 28.01 -5.80 -33.79
N LEU C 67 27.40 -5.07 -32.89
CA LEU C 67 28.12 -4.24 -31.93
C LEU C 67 28.14 -4.98 -30.61
N VAL C 68 29.34 -5.38 -30.16
CA VAL C 68 29.54 -6.12 -28.91
C VAL C 68 30.30 -5.22 -27.95
N GLN C 69 29.74 -4.99 -26.77
CA GLN C 69 30.32 -4.09 -25.76
C GLN C 69 30.53 -4.89 -24.48
N ALA C 70 31.78 -4.91 -24.02
CA ALA C 70 32.17 -5.52 -22.74
C ALA C 70 32.54 -4.38 -21.81
N GLY C 71 31.65 -4.06 -20.90
CA GLY C 71 31.85 -2.88 -20.08
C GLY C 71 31.83 -1.66 -20.99
N ASN C 72 32.92 -0.89 -20.94
CA ASN C 72 33.06 0.29 -21.78
C ASN C 72 34.09 0.05 -22.90
N VAL C 73 34.22 -1.19 -23.34
CA VAL C 73 35.14 -1.56 -24.40
C VAL C 73 34.35 -2.24 -25.51
N GLN C 74 34.52 -1.77 -26.75
CA GLN C 74 33.91 -2.44 -27.90
C GLN C 74 34.81 -3.60 -28.33
N LEU C 75 34.20 -4.75 -28.57
CA LEU C 75 34.89 -5.94 -29.07
C LEU C 75 34.61 -6.06 -30.56
N ARG C 76 35.67 -6.23 -31.34
CA ARG C 76 35.53 -6.33 -32.78
C ARG C 76 35.12 -7.75 -33.16
N VAL C 77 34.00 -7.85 -33.87
CA VAL C 77 33.54 -9.13 -34.38
C VAL C 77 34.29 -9.42 -35.68
N ILE C 78 34.88 -10.63 -35.76
CA ILE C 78 35.64 -11.05 -36.92
C ILE C 78 35.08 -12.33 -37.58
N GLY C 79 33.90 -12.77 -37.16
CA GLY C 79 33.25 -13.91 -37.77
C GLY C 79 31.95 -14.14 -37.02
N HIS C 80 31.02 -14.78 -37.71
CA HIS C 80 29.75 -15.13 -37.11
C HIS C 80 29.20 -16.42 -37.72
N SER C 81 28.45 -17.16 -36.92
CA SER C 81 27.76 -18.33 -37.43
C SER C 81 26.55 -18.56 -36.53
N MET C 82 25.58 -19.33 -37.06
CA MET C 82 24.38 -19.69 -36.31
C MET C 82 24.39 -21.18 -36.01
N GLN C 83 24.10 -21.55 -34.76
CA GLN C 83 24.03 -22.94 -34.32
C GLN C 83 22.68 -23.06 -33.64
N ASN C 84 21.73 -23.74 -34.30
CA ASN C 84 20.36 -23.83 -33.81
C ASN C 84 19.82 -22.44 -33.51
N CYS C 85 19.39 -22.14 -32.29
CA CYS C 85 18.79 -20.84 -31.98
C CYS C 85 19.77 -19.83 -31.36
N VAL C 86 21.09 -20.09 -31.40
CA VAL C 86 22.07 -19.13 -30.91
C VAL C 86 22.98 -18.69 -32.03
N LEU C 87 23.47 -17.45 -31.91
CA LEU C 87 24.57 -16.95 -32.72
C LEU C 87 25.89 -17.12 -31.96
N LYS C 88 26.95 -17.42 -32.70
CA LYS C 88 28.30 -17.45 -32.18
C LYS C 88 29.09 -16.36 -32.90
N LEU C 89 29.50 -15.34 -32.17
CA LEU C 89 30.23 -14.22 -32.74
C LEU C 89 31.69 -14.35 -32.31
N LYS C 90 32.57 -14.59 -33.27
CA LYS C 90 33.98 -14.65 -32.99
C LYS C 90 34.50 -13.23 -32.86
N VAL C 91 35.24 -12.96 -31.79
CA VAL C 91 35.78 -11.64 -31.53
C VAL C 91 37.30 -11.72 -31.52
N ASP C 92 37.95 -10.57 -31.69
CA ASP C 92 39.40 -10.57 -31.84
C ASP C 92 40.16 -10.60 -30.52
N THR C 93 39.47 -10.74 -29.39
CA THR C 93 40.13 -10.82 -28.10
C THR C 93 39.47 -11.90 -27.25
N ALA C 94 40.30 -12.73 -26.63
CA ALA C 94 39.81 -13.73 -25.69
C ALA C 94 39.53 -13.09 -24.33
N ASN C 95 38.42 -13.49 -23.73
CA ASN C 95 38.01 -12.94 -22.43
C ASN C 95 39.02 -13.36 -21.38
N PRO C 96 39.78 -12.44 -20.79
CA PRO C 96 40.75 -12.86 -19.76
C PRO C 96 40.10 -13.37 -18.49
N LYS C 97 38.80 -13.10 -18.28
CA LYS C 97 38.07 -13.61 -17.13
C LYS C 97 37.34 -14.92 -17.40
N THR C 98 37.60 -15.58 -18.52
CA THR C 98 36.92 -16.84 -18.83
C THR C 98 37.17 -17.86 -17.73
N PRO C 99 36.15 -18.35 -17.03
CA PRO C 99 36.38 -19.42 -16.06
C PRO C 99 36.56 -20.76 -16.77
N LYS C 100 36.97 -21.76 -16.00
CA LYS C 100 36.81 -23.13 -16.46
C LYS C 100 35.32 -23.40 -16.59
N TYR C 101 34.90 -24.00 -17.70
CA TYR C 101 33.46 -24.12 -17.94
C TYR C 101 33.16 -25.34 -18.80
N LYS C 102 31.86 -25.70 -18.79
CA LYS C 102 31.27 -26.74 -19.61
C LYS C 102 29.89 -26.27 -20.05
N PHE C 103 29.46 -26.76 -21.20
CA PHE C 103 28.07 -26.64 -21.64
C PHE C 103 27.37 -27.97 -21.36
N VAL C 104 26.25 -27.93 -20.62
CA VAL C 104 25.51 -29.13 -20.31
C VAL C 104 24.02 -28.91 -20.63
N ARG C 105 23.34 -29.97 -20.96
CA ARG C 105 21.90 -29.95 -21.14
C ARG C 105 21.28 -30.68 -19.95
N ILE C 106 20.45 -29.97 -19.19
CA ILE C 106 19.91 -30.53 -17.96
C ILE C 106 18.57 -31.21 -18.23
N GLN C 107 18.08 -31.98 -17.23
CA GLN C 107 16.82 -32.67 -17.30
C GLN C 107 15.76 -31.92 -16.50
N PRO C 108 14.48 -32.10 -16.84
CA PRO C 108 13.44 -31.51 -16.01
C PRO C 108 13.58 -31.98 -14.56
N GLY C 109 13.36 -31.04 -13.65
CA GLY C 109 13.51 -31.24 -12.24
C GLY C 109 14.84 -30.78 -11.67
N GLN C 110 15.88 -30.62 -12.51
CA GLN C 110 17.16 -30.11 -12.05
C GLN C 110 17.11 -28.58 -11.88
N THR C 111 17.87 -28.09 -10.93
CA THR C 111 17.90 -26.69 -10.58
C THR C 111 19.19 -26.02 -11.09
N PHE C 112 19.18 -24.69 -11.08
CA PHE C 112 20.31 -23.88 -11.51
C PHE C 112 20.08 -22.45 -11.06
N SER C 113 21.16 -21.69 -11.02
CA SER C 113 21.07 -20.27 -10.74
C SER C 113 20.97 -19.46 -12.02
N VAL C 114 20.29 -18.31 -11.95
CA VAL C 114 20.14 -17.39 -13.07
C VAL C 114 20.78 -16.07 -12.65
N LEU C 115 21.60 -15.51 -13.49
CA LEU C 115 22.06 -14.14 -13.36
C LEU C 115 21.28 -13.30 -14.36
N ALA C 116 20.27 -12.59 -13.89
CA ALA C 116 19.46 -11.78 -14.78
C ALA C 116 20.22 -10.51 -15.13
N CYS C 117 20.35 -10.22 -16.44
CA CYS C 117 21.12 -9.09 -16.92
C CYS C 117 20.33 -8.26 -17.92
N TYR C 118 20.70 -6.97 -18.03
CA TYR C 118 20.17 -6.05 -19.02
C TYR C 118 21.33 -5.24 -19.56
N ASN C 119 21.39 -5.11 -20.87
CA ASN C 119 22.45 -4.32 -21.51
C ASN C 119 23.82 -4.78 -21.05
N GLY C 120 23.96 -6.08 -20.85
CA GLY C 120 25.24 -6.67 -20.49
C GLY C 120 25.66 -6.52 -19.04
N SER C 121 24.81 -5.98 -18.18
CA SER C 121 25.12 -5.73 -16.79
C SER C 121 24.17 -6.51 -15.90
N PRO C 122 24.63 -6.96 -14.73
CA PRO C 122 23.78 -7.81 -13.90
C PRO C 122 22.78 -7.04 -13.03
N SER C 123 21.56 -7.58 -12.95
CA SER C 123 20.51 -7.08 -12.05
C SER C 123 20.43 -7.86 -10.74
N GLY C 124 20.56 -9.18 -10.82
CA GLY C 124 20.46 -9.99 -9.61
C GLY C 124 20.54 -11.46 -9.95
N VAL C 125 20.54 -12.28 -8.89
CA VAL C 125 20.77 -13.71 -9.02
C VAL C 125 19.70 -14.45 -8.20
N TYR C 126 19.14 -15.50 -8.80
CA TYR C 126 18.15 -16.30 -8.10
C TYR C 126 18.25 -17.76 -8.55
N GLN C 127 17.60 -18.63 -7.81
CA GLN C 127 17.61 -20.07 -8.08
C GLN C 127 16.32 -20.48 -8.79
N CYS C 128 16.44 -21.36 -9.79
CA CYS C 128 15.38 -21.76 -10.73
C CYS C 128 15.38 -23.28 -10.79
N ALA C 129 14.23 -23.85 -11.17
CA ALA C 129 14.18 -25.25 -11.58
C ALA C 129 13.62 -25.38 -12.99
N MET C 130 14.15 -26.34 -13.75
CA MET C 130 13.54 -26.74 -15.03
C MET C 130 12.27 -27.51 -14.71
N ARG C 131 11.12 -26.96 -15.07
CA ARG C 131 9.84 -27.60 -14.76
C ARG C 131 9.66 -28.84 -15.62
N PRO C 132 8.81 -29.76 -15.19
CA PRO C 132 8.54 -30.94 -16.03
C PRO C 132 8.05 -30.61 -17.43
N ASN C 133 7.37 -29.48 -17.61
CA ASN C 133 6.94 -29.06 -18.93
C ASN C 133 7.97 -28.18 -19.63
N PHE C 134 9.23 -28.17 -19.15
CA PHE C 134 10.37 -27.53 -19.79
C PHE C 134 10.28 -26.01 -19.83
N THR C 135 9.39 -25.41 -19.03
CA THR C 135 9.46 -23.98 -18.78
C THR C 135 10.22 -23.72 -17.49
N ILE C 136 10.56 -22.45 -17.27
CA ILE C 136 11.10 -22.05 -15.98
C ILE C 136 10.30 -20.87 -15.45
N LYS C 137 10.11 -20.83 -14.13
CA LYS C 137 9.38 -19.73 -13.51
C LYS C 137 10.42 -18.71 -13.06
N GLY C 138 10.85 -17.87 -13.99
CA GLY C 138 11.87 -16.89 -13.72
C GLY C 138 11.32 -15.51 -13.39
N SER C 139 12.24 -14.52 -13.49
CA SER C 139 11.94 -13.11 -13.32
C SER C 139 12.74 -12.42 -14.42
N PHE C 140 12.08 -12.13 -15.55
CA PHE C 140 12.74 -11.67 -16.75
C PHE C 140 11.87 -10.62 -17.41
N LEU C 141 12.49 -9.54 -17.84
CA LEU C 141 11.83 -8.43 -18.53
C LEU C 141 12.39 -8.32 -19.94
N ASN C 142 11.77 -7.48 -20.76
CA ASN C 142 12.33 -7.25 -22.08
C ASN C 142 13.78 -6.82 -21.95
N GLY C 143 14.64 -7.40 -22.79
CA GLY C 143 16.06 -7.15 -22.78
C GLY C 143 16.88 -8.14 -21.99
N SER C 144 16.23 -9.04 -21.27
CA SER C 144 16.93 -10.03 -20.49
C SER C 144 17.41 -11.23 -21.29
N ALA C 145 16.98 -11.36 -22.55
CA ALA C 145 17.42 -12.50 -23.31
C ALA C 145 18.95 -12.50 -23.39
N GLY C 146 19.52 -13.71 -23.38
CA GLY C 146 20.94 -13.92 -23.28
C GLY C 146 21.48 -14.05 -21.88
N SER C 147 20.70 -13.68 -20.86
CA SER C 147 21.03 -14.08 -19.50
C SER C 147 21.11 -15.60 -19.44
N VAL C 148 21.97 -16.12 -18.57
CA VAL C 148 22.23 -17.56 -18.51
C VAL C 148 21.90 -18.16 -17.15
N GLY C 149 21.65 -19.46 -17.19
CA GLY C 149 21.52 -20.26 -15.99
C GLY C 149 22.69 -21.21 -15.90
N PHE C 150 23.09 -21.55 -14.67
CA PHE C 150 24.36 -22.24 -14.47
C PHE C 150 24.39 -22.91 -13.11
N ASN C 151 25.29 -23.90 -13.01
CA ASN C 151 25.68 -24.53 -11.76
C ASN C 151 27.18 -24.38 -11.64
N ILE C 152 27.71 -24.32 -10.42
CA ILE C 152 29.14 -24.31 -10.19
C ILE C 152 29.50 -25.59 -9.44
N ASP C 153 30.54 -26.27 -9.91
CA ASP C 153 31.10 -27.45 -9.24
C ASP C 153 32.60 -27.25 -9.08
N TYR C 154 33.04 -27.17 -7.83
CA TYR C 154 34.44 -26.83 -7.53
C TYR C 154 34.75 -25.50 -8.20
N ASP C 155 35.56 -25.50 -9.26
CA ASP C 155 35.90 -24.27 -9.95
C ASP C 155 35.31 -24.19 -11.36
N CYS C 156 34.42 -25.11 -11.71
CA CYS C 156 33.92 -25.26 -13.08
C CYS C 156 32.48 -24.75 -13.16
N VAL C 157 32.25 -23.80 -14.05
CA VAL C 157 30.92 -23.30 -14.33
C VAL C 157 30.29 -24.16 -15.41
N SER C 158 29.18 -24.83 -15.07
CA SER C 158 28.41 -25.60 -16.03
C SER C 158 27.22 -24.75 -16.47
N PHE C 159 27.32 -24.16 -17.68
CA PHE C 159 26.23 -23.38 -18.25
C PHE C 159 25.18 -24.34 -18.82
N CYS C 160 23.92 -24.15 -18.42
CA CYS C 160 22.85 -25.02 -18.86
C CYS C 160 21.67 -24.33 -19.51
N TYR C 161 21.56 -22.99 -19.45
CA TYR C 161 20.38 -22.31 -19.96
C TYR C 161 20.78 -20.93 -20.47
N MET C 162 20.22 -20.56 -21.62
CA MET C 162 20.26 -19.20 -22.15
C MET C 162 18.82 -18.76 -22.32
N HIS C 163 18.48 -17.59 -21.79
CA HIS C 163 17.11 -17.12 -21.84
C HIS C 163 16.76 -16.56 -23.21
N HIS C 164 15.55 -16.89 -23.73
CA HIS C 164 15.04 -16.33 -24.98
C HIS C 164 13.74 -15.54 -24.84
N MET C 165 12.74 -16.04 -24.09
CA MET C 165 11.41 -15.49 -24.29
C MET C 165 10.46 -15.81 -23.14
N GLU C 166 9.30 -15.14 -23.15
CA GLU C 166 8.28 -15.31 -22.13
C GLU C 166 6.97 -15.77 -22.77
N LEU C 167 6.37 -16.80 -22.19
CA LEU C 167 5.09 -17.31 -22.65
C LEU C 167 3.96 -16.45 -22.08
N PRO C 168 2.78 -16.48 -22.72
CA PRO C 168 1.68 -15.61 -22.27
C PRO C 168 1.23 -15.86 -20.85
N THR C 169 1.49 -17.05 -20.29
CA THR C 169 1.19 -17.32 -18.89
C THR C 169 2.20 -16.71 -17.92
N GLY C 170 3.26 -16.10 -18.42
CA GLY C 170 4.26 -15.46 -17.59
C GLY C 170 5.44 -16.31 -17.20
N VAL C 171 5.53 -17.53 -17.72
CA VAL C 171 6.67 -18.36 -17.49
C VAL C 171 7.63 -18.20 -18.66
N HIS C 172 8.81 -18.79 -18.54
CA HIS C 172 9.90 -18.51 -19.45
C HIS C 172 10.44 -19.73 -20.19
N ALA C 173 11.01 -19.48 -21.38
CA ALA C 173 11.59 -20.53 -22.21
C ALA C 173 12.92 -20.09 -22.80
N GLY C 174 13.79 -21.07 -22.97
CA GLY C 174 15.10 -20.81 -23.53
C GLY C 174 15.75 -22.10 -23.99
N THR C 175 17.04 -22.02 -24.24
CA THR C 175 17.82 -23.05 -24.89
C THR C 175 18.96 -23.49 -24.00
N ASP C 176 19.59 -24.61 -24.38
CA ASP C 176 20.93 -24.88 -23.87
C ASP C 176 21.93 -24.00 -24.63
N LEU C 177 23.21 -24.18 -24.35
CA LEU C 177 24.20 -23.26 -24.93
C LEU C 177 24.62 -23.72 -26.32
N GLU C 178 24.07 -24.85 -26.79
CA GLU C 178 24.15 -25.21 -28.21
C GLU C 178 22.95 -24.72 -29.00
N GLY C 179 22.05 -23.96 -28.38
CA GLY C 179 20.92 -23.34 -29.06
C GLY C 179 19.73 -24.22 -29.29
N ASN C 180 19.64 -25.38 -28.64
CA ASN C 180 18.46 -26.24 -28.71
C ASN C 180 17.49 -25.89 -27.59
N PHE C 181 16.26 -25.51 -27.96
CA PHE C 181 15.25 -25.18 -26.95
C PHE C 181 15.00 -26.36 -26.01
N TYR C 182 14.77 -26.04 -24.73
CA TYR C 182 14.11 -26.96 -23.84
C TYR C 182 12.62 -26.90 -24.14
N GLY C 183 12.02 -28.04 -24.38
CA GLY C 183 10.61 -28.07 -24.60
C GLY C 183 10.26 -27.89 -26.06
N PRO C 184 8.94 -27.93 -26.34
CA PRO C 184 8.43 -27.81 -27.72
C PRO C 184 8.13 -26.36 -28.09
N PHE C 185 9.14 -25.52 -27.98
CA PHE C 185 9.01 -24.10 -28.22
C PHE C 185 9.98 -23.67 -29.31
N VAL C 186 9.61 -22.56 -29.92
CA VAL C 186 10.36 -21.97 -31.01
C VAL C 186 10.43 -20.45 -30.81
N ASP C 187 11.48 -19.82 -31.38
CA ASP C 187 11.66 -18.38 -31.18
C ASP C 187 10.88 -17.59 -32.25
N ARG C 188 9.57 -17.64 -32.07
CA ARG C 188 8.56 -16.94 -32.85
C ARG C 188 7.51 -16.40 -31.89
N GLN C 189 6.94 -15.24 -32.20
CA GLN C 189 5.92 -14.66 -31.33
C GLN C 189 4.52 -15.18 -31.63
N THR C 190 4.41 -16.41 -32.07
CA THR C 190 3.13 -17.09 -32.23
C THR C 190 2.60 -17.54 -30.88
N ALA C 191 1.32 -17.92 -30.85
CA ALA C 191 0.75 -18.52 -29.66
C ALA C 191 1.38 -19.88 -29.46
N GLN C 192 1.95 -20.08 -28.28
CA GLN C 192 2.56 -21.35 -27.90
C GLN C 192 2.20 -21.60 -26.45
N ALA C 193 1.90 -22.85 -26.14
CA ALA C 193 1.51 -23.27 -24.79
C ALA C 193 2.30 -24.49 -24.39
N ALA C 194 2.71 -24.52 -23.12
CA ALA C 194 3.41 -25.67 -22.57
C ALA C 194 2.42 -26.75 -22.14
N GLY C 195 2.91 -27.97 -22.10
CA GLY C 195 2.17 -29.03 -21.46
C GLY C 195 1.74 -28.66 -20.05
N THR C 196 0.71 -29.29 -19.54
CA THR C 196 0.33 -29.07 -18.14
C THR C 196 1.52 -29.39 -17.26
N ASP C 197 1.81 -28.49 -16.33
CA ASP C 197 2.95 -28.72 -15.48
C ASP C 197 2.54 -29.63 -14.33
N THR C 198 3.55 -30.27 -13.75
CA THR C 198 3.37 -31.19 -12.63
C THR C 198 4.40 -30.89 -11.57
N THR C 199 4.18 -31.44 -10.39
CA THR C 199 5.07 -31.24 -9.24
C THR C 199 6.20 -32.26 -9.28
N ILE C 200 7.43 -31.80 -8.99
CA ILE C 200 8.64 -32.62 -9.04
C ILE C 200 8.76 -33.43 -7.75
N THR C 201 8.26 -34.67 -7.77
CA THR C 201 8.09 -35.47 -6.57
C THR C 201 9.39 -35.74 -5.82
N VAL C 202 10.44 -36.12 -6.56
CA VAL C 202 11.70 -36.47 -5.91
C VAL C 202 12.26 -35.27 -5.16
N ASN C 203 12.02 -34.05 -5.68
CA ASN C 203 12.45 -32.84 -4.99
C ASN C 203 11.65 -32.56 -3.71
N VAL C 204 10.33 -32.76 -3.75
CA VAL C 204 9.53 -32.59 -2.54
C VAL C 204 10.03 -33.53 -1.46
N LEU C 205 10.28 -34.80 -1.83
CA LEU C 205 10.82 -35.74 -0.86
C LEU C 205 12.19 -35.28 -0.33
N ALA C 206 13.08 -34.78 -1.19
CA ALA C 206 14.35 -34.28 -0.68
C ALA C 206 14.14 -33.17 0.34
N TRP C 207 13.18 -32.30 0.08
CA TRP C 207 12.93 -31.17 0.96
C TRP C 207 12.36 -31.61 2.29
N LEU C 208 11.53 -32.65 2.29
CA LEU C 208 11.06 -33.22 3.55
C LEU C 208 12.22 -33.78 4.36
N TYR C 209 13.18 -34.42 3.69
CA TYR C 209 14.37 -34.88 4.38
C TYR C 209 15.15 -33.69 4.97
N ALA C 210 15.28 -32.60 4.20
CA ALA C 210 15.88 -31.38 4.74
C ALA C 210 15.18 -30.91 6.03
N ALA C 211 13.85 -30.99 6.06
CA ALA C 211 13.12 -30.56 7.25
C ALA C 211 13.45 -31.46 8.43
N VAL C 212 13.58 -32.77 8.19
CA VAL C 212 13.97 -33.69 9.27
C VAL C 212 15.39 -33.40 9.76
N ILE C 213 16.31 -33.20 8.80
CA ILE C 213 17.68 -32.87 9.17
C ILE C 213 17.71 -31.63 10.08
N ASN C 214 16.84 -30.67 9.79
CA ASN C 214 16.79 -29.43 10.54
C ASN C 214 16.00 -29.54 11.81
N GLY C 215 15.45 -30.71 12.12
CA GLY C 215 14.91 -30.99 13.43
C GLY C 215 13.39 -31.12 13.55
N ASP C 216 12.66 -31.29 12.44
CA ASP C 216 11.21 -31.26 12.43
C ASP C 216 10.72 -32.59 11.90
N ARG C 217 9.84 -33.24 12.66
CA ARG C 217 9.30 -34.54 12.30
C ARG C 217 7.80 -34.62 12.38
N TRP C 218 7.10 -33.49 12.53
CA TRP C 218 5.69 -33.54 12.88
C TRP C 218 4.85 -34.20 11.81
N PHE C 219 5.31 -34.18 10.59
CA PHE C 219 4.53 -34.65 9.45
C PHE C 219 4.72 -36.14 9.13
N LEU C 220 5.62 -36.84 9.80
CA LEU C 220 5.80 -38.26 9.60
C LEU C 220 4.62 -39.03 10.16
N ASN C 221 4.51 -40.30 9.77
CA ASN C 221 3.50 -41.19 10.31
C ASN C 221 4.06 -42.61 10.37
N ARG C 222 3.27 -43.52 10.94
CA ARG C 222 3.77 -44.85 11.20
C ARG C 222 3.65 -45.79 10.01
N PHE C 223 3.22 -45.30 8.85
CA PHE C 223 2.89 -46.16 7.72
C PHE C 223 4.08 -46.28 6.76
N THR C 224 3.98 -47.30 5.90
CA THR C 224 4.82 -47.34 4.71
C THR C 224 3.88 -47.45 3.50
N THR C 225 4.47 -47.63 2.32
CA THR C 225 3.72 -47.75 1.08
C THR C 225 4.55 -48.51 0.07
N THR C 226 3.89 -49.20 -0.84
CA THR C 226 4.59 -49.67 -2.02
C THR C 226 4.83 -48.48 -2.95
N LEU C 227 5.87 -48.59 -3.77
CA LEU C 227 6.13 -47.60 -4.80
C LEU C 227 4.93 -47.48 -5.74
N ASN C 228 4.39 -48.61 -6.19
CA ASN C 228 3.16 -48.64 -6.98
C ASN C 228 2.05 -47.82 -6.34
N ASP C 229 1.70 -48.11 -5.08
CA ASP C 229 0.58 -47.40 -4.47
C ASP C 229 0.88 -45.93 -4.27
N PHE C 230 2.14 -45.59 -3.96
CA PHE C 230 2.51 -44.18 -3.84
C PHE C 230 2.25 -43.46 -5.14
N ASN C 231 2.72 -44.04 -6.25
CA ASN C 231 2.57 -43.36 -7.53
C ASN C 231 1.09 -43.25 -7.94
N LEU C 232 0.29 -44.28 -7.65
CA LEU C 232 -1.14 -44.19 -7.96
C LEU C 232 -1.80 -43.02 -7.22
N VAL C 233 -1.46 -42.81 -5.95
CA VAL C 233 -2.01 -41.67 -5.22
C VAL C 233 -1.41 -40.35 -5.69
N ALA C 234 -0.09 -40.26 -5.74
CA ALA C 234 0.53 -38.97 -6.02
C ALA C 234 0.08 -38.43 -7.37
N MET C 235 -0.10 -39.32 -8.37
CA MET C 235 -0.55 -38.87 -9.69
C MET C 235 -1.89 -38.14 -9.61
N LYS C 236 -2.71 -38.46 -8.61
CA LYS C 236 -4.00 -37.83 -8.49
C LYS C 236 -3.88 -36.39 -8.07
N TYR C 237 -2.72 -36.00 -7.53
CA TYR C 237 -2.44 -34.63 -7.13
C TYR C 237 -1.55 -33.91 -8.14
N ASN C 238 -1.43 -34.45 -9.36
CA ASN C 238 -0.60 -33.86 -10.41
C ASN C 238 0.89 -33.88 -10.04
N TYR C 239 1.32 -34.91 -9.34
CA TYR C 239 2.72 -35.17 -9.07
C TYR C 239 3.33 -36.09 -10.14
N GLU C 240 4.61 -35.84 -10.44
CA GLU C 240 5.39 -36.67 -11.35
C GLU C 240 5.60 -38.08 -10.79
N PRO C 241 5.66 -39.08 -11.64
CA PRO C 241 5.99 -40.41 -11.15
C PRO C 241 7.37 -40.45 -10.47
N LEU C 242 7.45 -41.20 -9.36
CA LEU C 242 8.70 -41.49 -8.69
C LEU C 242 9.24 -42.82 -9.22
N THR C 243 10.48 -42.81 -9.70
CA THR C 243 11.11 -44.00 -10.26
C THR C 243 12.09 -44.63 -9.27
N GLN C 244 12.48 -45.87 -9.56
CA GLN C 244 13.50 -46.51 -8.73
C GLN C 244 14.81 -45.70 -8.77
N ASP C 245 15.13 -45.07 -9.91
CA ASP C 245 16.32 -44.22 -9.94
C ASP C 245 16.20 -43.08 -8.94
N HIS C 246 15.00 -42.49 -8.83
CA HIS C 246 14.80 -41.45 -7.82
C HIS C 246 14.98 -42.00 -6.40
N VAL C 247 14.43 -43.20 -6.15
CA VAL C 247 14.60 -43.83 -4.83
C VAL C 247 16.06 -43.98 -4.49
N ASP C 248 16.85 -44.47 -5.47
CA ASP C 248 18.28 -44.65 -5.24
C ASP C 248 18.98 -43.33 -4.97
N ILE C 249 18.57 -42.26 -5.66
CA ILE C 249 19.19 -40.97 -5.49
C ILE C 249 18.92 -40.40 -4.12
N LEU C 250 17.78 -40.76 -3.52
CA LEU C 250 17.46 -40.33 -2.16
C LEU C 250 18.14 -41.16 -1.09
N GLY C 251 18.94 -42.17 -1.48
CA GLY C 251 19.62 -43.04 -0.54
C GLY C 251 20.41 -42.31 0.54
N PRO C 252 21.30 -41.41 0.14
CA PRO C 252 22.12 -40.71 1.16
C PRO C 252 21.29 -39.98 2.19
N LEU C 253 20.26 -39.25 1.76
CA LEU C 253 19.41 -38.55 2.73
C LEU C 253 18.64 -39.55 3.60
N SER C 254 18.16 -40.64 3.00
CA SER C 254 17.52 -41.70 3.79
C SER C 254 18.48 -42.24 4.84
N ALA C 255 19.73 -42.52 4.46
CA ALA C 255 20.70 -43.06 5.42
C ALA C 255 21.07 -42.06 6.51
N GLN C 256 21.14 -40.77 6.16
CA GLN C 256 21.49 -39.76 7.15
C GLN C 256 20.40 -39.62 8.20
N THR C 257 19.13 -39.76 7.83
CA THR C 257 18.01 -39.51 8.73
C THR C 257 17.42 -40.77 9.35
N GLY C 258 17.75 -41.96 8.83
CA GLY C 258 17.16 -43.20 9.27
C GLY C 258 15.75 -43.43 8.82
N ILE C 259 15.24 -42.65 7.87
CA ILE C 259 13.88 -42.77 7.36
C ILE C 259 13.93 -43.38 5.96
N ALA C 260 13.40 -44.59 5.82
CA ALA C 260 13.32 -45.24 4.53
C ALA C 260 12.56 -44.37 3.53
N VAL C 261 12.98 -44.42 2.26
CA VAL C 261 12.36 -43.57 1.26
C VAL C 261 10.86 -43.87 1.17
N LEU C 262 10.47 -45.14 1.15
CA LEU C 262 9.03 -45.44 1.06
C LEU C 262 8.26 -45.02 2.31
N ASP C 263 8.92 -44.92 3.47
CA ASP C 263 8.27 -44.32 4.64
C ASP C 263 8.09 -42.81 4.49
N MET C 264 9.07 -42.12 3.93
CA MET C 264 8.84 -40.72 3.57
C MET C 264 7.77 -40.54 2.53
N CYS C 265 7.65 -41.49 1.60
CA CYS C 265 6.57 -41.47 0.64
C CYS C 265 5.21 -41.54 1.34
N ALA C 266 5.10 -42.36 2.40
CA ALA C 266 3.85 -42.47 3.14
C ALA C 266 3.52 -41.15 3.83
N SER C 267 4.55 -40.45 4.35
CA SER C 267 4.34 -39.11 4.91
C SER C 267 3.79 -38.15 3.87
N LEU C 268 4.38 -38.17 2.67
CA LEU C 268 3.93 -37.25 1.64
C LEU C 268 2.48 -37.55 1.25
N LYS C 269 2.11 -38.83 1.14
CA LYS C 269 0.71 -39.18 0.84
C LYS C 269 -0.23 -38.55 1.88
N GLU C 270 0.16 -38.58 3.17
CA GLU C 270 -0.73 -37.99 4.16
C GLU C 270 -0.72 -36.44 4.12
N LEU C 271 0.43 -35.84 3.85
CA LEU C 271 0.46 -34.38 3.68
C LEU C 271 -0.43 -33.92 2.54
N LEU C 272 -0.45 -34.68 1.45
CA LEU C 272 -1.30 -34.30 0.34
C LEU C 272 -2.77 -34.44 0.71
N GLN C 273 -3.10 -35.48 1.48
CA GLN C 273 -4.47 -35.69 1.92
C GLN C 273 -4.93 -34.61 2.89
N ASN C 274 -4.01 -34.09 3.72
CA ASN C 274 -4.41 -33.29 4.87
C ASN C 274 -4.10 -31.82 4.72
N GLY C 275 -3.14 -31.48 3.88
CA GLY C 275 -2.58 -30.15 3.96
C GLY C 275 -1.77 -29.99 5.26
N MET C 276 -1.42 -28.73 5.54
CA MET C 276 -0.54 -28.51 6.67
C MET C 276 -1.29 -28.13 7.96
N ASN C 277 -2.59 -27.81 7.83
CA ASN C 277 -3.45 -27.47 8.96
C ASN C 277 -2.83 -26.39 9.84
N GLY C 278 -2.50 -25.28 9.21
CA GLY C 278 -2.00 -24.11 9.91
C GLY C 278 -0.53 -24.15 10.25
N ARG C 279 0.16 -25.26 9.97
CA ARG C 279 1.57 -25.40 10.24
C ARG C 279 2.38 -25.06 8.98
N THR C 280 3.70 -24.97 9.15
CA THR C 280 4.62 -24.74 8.04
C THR C 280 5.74 -25.75 8.10
N ILE C 281 6.42 -25.93 6.98
CA ILE C 281 7.57 -26.80 6.88
C ILE C 281 8.68 -25.94 6.32
N LEU C 282 9.77 -25.78 7.09
CA LEU C 282 10.90 -24.97 6.65
C LEU C 282 10.40 -23.61 6.17
N GLY C 283 9.46 -23.04 6.91
CA GLY C 283 8.98 -21.71 6.59
C GLY C 283 7.98 -21.61 5.46
N SER C 284 7.53 -22.73 4.88
CA SER C 284 6.61 -22.71 3.76
C SER C 284 5.28 -23.37 4.14
N ALA C 285 4.20 -22.82 3.59
CA ALA C 285 2.87 -23.39 3.73
C ALA C 285 2.48 -24.19 2.49
N LEU C 286 3.39 -24.38 1.54
CA LEU C 286 3.20 -25.26 0.41
C LEU C 286 4.36 -26.26 0.35
N LEU C 287 4.12 -27.37 -0.33
CA LEU C 287 5.16 -28.38 -0.50
C LEU C 287 6.13 -27.90 -1.59
N GLU C 288 7.38 -27.69 -1.21
CA GLU C 288 8.36 -27.08 -2.12
C GLU C 288 9.02 -28.13 -3.00
N ASP C 289 9.16 -27.86 -4.31
CA ASP C 289 9.71 -28.85 -5.22
C ASP C 289 10.86 -28.31 -6.05
N GLU C 290 11.52 -27.22 -5.64
CA GLU C 290 12.67 -26.72 -6.40
C GLU C 290 13.99 -26.85 -5.62
N PHE C 291 14.07 -27.85 -4.75
CA PHE C 291 15.35 -28.33 -4.25
C PHE C 291 15.53 -29.79 -4.65
N THR C 292 16.68 -30.10 -5.27
CA THR C 292 17.02 -31.47 -5.60
C THR C 292 17.66 -32.14 -4.38
N PRO C 293 17.81 -33.47 -4.44
CA PRO C 293 18.57 -34.16 -3.38
C PRO C 293 19.98 -33.63 -3.23
N PHE C 294 20.65 -33.34 -4.34
CA PHE C 294 21.97 -32.75 -4.23
C PHE C 294 21.95 -31.36 -3.59
N ASP C 295 20.94 -30.55 -3.93
CA ASP C 295 20.84 -29.23 -3.31
C ASP C 295 20.73 -29.35 -1.80
N VAL C 296 19.94 -30.32 -1.33
CA VAL C 296 19.78 -30.46 0.12
C VAL C 296 21.11 -30.82 0.77
N VAL C 297 21.81 -31.81 0.20
CA VAL C 297 23.10 -32.21 0.76
C VAL C 297 24.11 -31.07 0.71
N ARG C 298 24.10 -30.30 -0.39
CA ARG C 298 25.01 -29.17 -0.51
C ARG C 298 24.80 -28.17 0.61
N GLN C 299 23.55 -27.84 0.91
CA GLN C 299 23.23 -26.78 1.86
C GLN C 299 23.34 -27.26 3.30
N CYS C 300 22.92 -28.48 3.59
CA CYS C 300 23.07 -29.00 4.94
C CYS C 300 24.48 -29.52 5.23
N SER C 301 25.41 -29.50 4.25
CA SER C 301 26.80 -29.90 4.47
C SER C 301 27.82 -28.80 4.14
N GLY C 302 27.37 -27.65 3.65
CA GLY C 302 28.27 -26.51 3.48
C GLY C 302 29.31 -26.68 2.39
N VAL C 303 28.91 -27.26 1.25
CA VAL C 303 29.82 -27.35 0.12
C VAL C 303 30.14 -25.95 -0.41
N THR C 304 31.41 -25.70 -0.71
CA THR C 304 31.85 -24.41 -1.27
C THR C 304 32.46 -24.57 -2.65
N SER D 1 -5.84 17.51 49.48
CA SER D 1 -7.27 17.31 49.26
C SER D 1 -7.80 18.35 48.29
N GLY D 2 -9.08 18.17 47.93
CA GLY D 2 -9.72 18.96 46.91
C GLY D 2 -9.73 18.26 45.56
N PHE D 3 -10.50 18.80 44.62
CA PHE D 3 -10.57 18.20 43.28
C PHE D 3 -11.12 19.24 42.32
N ARG D 4 -10.30 19.66 41.36
CA ARG D 4 -10.64 20.73 40.45
C ARG D 4 -10.46 20.29 39.00
N LYS D 5 -11.18 20.95 38.11
CA LYS D 5 -10.93 20.75 36.67
C LYS D 5 -9.59 21.43 36.34
N MET D 6 -8.54 20.64 36.24
CA MET D 6 -7.16 21.15 36.27
C MET D 6 -6.57 20.98 34.89
N ALA D 7 -6.14 22.08 34.29
CA ALA D 7 -5.51 22.08 32.98
C ALA D 7 -4.00 21.92 33.14
N PHE D 8 -3.34 21.59 32.07
CA PHE D 8 -1.87 21.59 32.06
C PHE D 8 -1.36 23.03 31.97
N PRO D 9 -0.19 23.32 32.56
CA PRO D 9 0.44 24.65 32.38
C PRO D 9 0.58 24.91 30.90
N SER D 10 0.22 26.14 30.51
CA SER D 10 0.11 26.49 29.10
C SER D 10 1.35 27.07 28.46
N GLY D 11 2.43 27.29 29.22
CA GLY D 11 3.56 28.05 28.70
C GLY D 11 4.16 27.47 27.44
N LYS D 12 4.35 26.14 27.41
CA LYS D 12 4.98 25.54 26.24
C LYS D 12 4.15 25.76 24.99
N VAL D 13 2.83 25.85 25.12
CA VAL D 13 1.98 26.07 23.94
C VAL D 13 1.89 27.55 23.58
N GLU D 14 1.85 28.43 24.60
CA GLU D 14 1.87 29.87 24.37
C GLU D 14 2.99 30.26 23.40
N GLY D 15 4.16 29.64 23.54
CA GLY D 15 5.31 30.02 22.74
C GLY D 15 5.20 29.58 21.30
N CYS D 16 4.15 28.83 20.97
CA CYS D 16 3.94 28.38 19.60
C CYS D 16 2.80 29.09 18.89
N MET D 17 2.09 30.00 19.55
CA MET D 17 0.90 30.58 18.97
C MET D 17 1.26 31.80 18.11
N VAL D 18 0.71 31.85 16.89
CA VAL D 18 0.89 32.95 15.95
C VAL D 18 -0.44 33.37 15.34
N GLN D 19 -0.43 34.49 14.63
CA GLN D 19 -1.61 34.97 13.93
C GLN D 19 -1.41 34.74 12.45
N VAL D 20 -2.44 34.26 11.75
CA VAL D 20 -2.41 34.05 10.31
C VAL D 20 -3.53 34.88 9.67
N THR D 21 -3.18 35.67 8.67
CA THR D 21 -4.17 36.50 7.98
C THR D 21 -4.05 36.23 6.48
N CYS D 22 -5.16 35.96 5.85
CA CYS D 22 -5.36 35.86 4.41
C CYS D 22 -6.47 36.80 4.04
N GLY D 23 -6.12 37.83 3.29
CA GLY D 23 -7.13 38.81 2.91
C GLY D 23 -7.64 39.55 4.12
N THR D 24 -8.91 39.38 4.37
CA THR D 24 -9.59 40.01 5.50
C THR D 24 -9.86 39.04 6.65
N THR D 25 -9.48 37.77 6.51
CA THR D 25 -9.74 36.75 7.52
C THR D 25 -8.50 36.49 8.37
N THR D 26 -8.67 36.51 9.69
CA THR D 26 -7.58 36.29 10.61
C THR D 26 -7.99 35.17 11.54
N LEU D 27 -7.05 34.29 11.82
CA LEU D 27 -7.23 33.26 12.85
C LEU D 27 -5.86 32.89 13.38
N ASN D 28 -5.81 31.87 14.24
CA ASN D 28 -4.59 31.46 14.91
C ASN D 28 -3.89 30.34 14.17
N GLY D 29 -2.55 30.31 14.30
CA GLY D 29 -1.77 29.19 13.83
C GLY D 29 -0.82 28.69 14.91
N LEU D 30 -0.34 27.46 14.67
CA LEU D 30 0.58 26.75 15.57
C LEU D 30 1.93 26.64 14.87
N TRP D 31 2.94 27.27 15.44
CA TRP D 31 4.29 27.36 14.86
C TRP D 31 5.21 26.36 15.54
N LEU D 32 5.56 25.32 14.81
CA LEU D 32 6.44 24.26 15.30
C LEU D 32 7.55 24.08 14.29
N ASP D 33 8.80 24.12 14.75
CA ASP D 33 9.94 24.08 13.83
C ASP D 33 9.68 25.16 12.77
N ASP D 34 9.84 24.87 11.48
CA ASP D 34 9.63 25.90 10.47
C ASP D 34 8.30 25.75 9.75
N VAL D 35 7.27 25.23 10.41
CA VAL D 35 5.95 25.10 9.80
C VAL D 35 4.91 25.73 10.70
N VAL D 36 3.97 26.47 10.11
CA VAL D 36 2.79 26.98 10.77
C VAL D 36 1.55 26.19 10.32
N TYR D 37 0.84 25.60 11.30
CA TYR D 37 -0.37 24.83 11.02
C TYR D 37 -1.60 25.71 11.32
N CYS D 38 -2.56 25.78 10.39
CA CYS D 38 -3.79 26.53 10.68
C CYS D 38 -4.99 25.95 9.94
N PRO D 39 -6.20 26.31 10.36
CA PRO D 39 -7.39 25.85 9.63
C PRO D 39 -7.41 26.41 8.23
N ARG D 40 -7.87 25.57 7.31
CA ARG D 40 -7.81 26.00 5.92
C ARG D 40 -8.83 27.08 5.58
N HIS D 41 -9.86 27.27 6.38
CA HIS D 41 -10.85 28.30 6.00
C HIS D 41 -10.38 29.71 6.20
N VAL D 42 -9.12 29.93 6.59
CA VAL D 42 -8.53 31.26 6.56
C VAL D 42 -8.49 31.81 5.12
N ILE D 43 -8.62 30.95 4.11
CA ILE D 43 -8.59 31.44 2.72
C ILE D 43 -9.97 31.76 2.17
N CYS D 44 -11.00 31.61 3.00
CA CYS D 44 -12.37 31.90 2.59
C CYS D 44 -12.69 33.39 2.71
N THR D 45 -13.55 33.87 1.80
CA THR D 45 -14.26 35.14 1.95
C THR D 45 -15.73 34.89 2.29
N SER D 46 -16.50 35.96 2.43
CA SER D 46 -17.91 35.83 2.77
C SER D 46 -18.73 35.11 1.70
N GLU D 47 -18.21 34.97 0.49
CA GLU D 47 -18.83 34.19 -0.57
C GLU D 47 -18.44 32.72 -0.54
N ASP D 48 -17.57 32.30 0.38
CA ASP D 48 -16.97 30.98 0.36
C ASP D 48 -17.34 30.16 1.57
N MET D 49 -18.45 30.47 2.25
CA MET D 49 -18.70 29.84 3.52
C MET D 49 -19.65 28.66 3.44
N LEU D 50 -20.49 28.52 2.41
CA LEU D 50 -21.45 27.42 2.36
C LEU D 50 -20.91 26.24 1.58
N ASN D 51 -20.27 26.51 0.43
CA ASN D 51 -19.77 25.42 -0.40
C ASN D 51 -18.42 25.77 -1.01
N PRO D 52 -17.43 26.13 -0.19
CA PRO D 52 -16.10 26.43 -0.72
C PRO D 52 -15.45 25.23 -1.36
N ASN D 53 -14.80 25.45 -2.50
CA ASN D 53 -13.89 24.46 -3.05
C ASN D 53 -12.49 24.89 -2.64
N TYR D 54 -11.96 24.24 -1.60
CA TYR D 54 -10.71 24.71 -1.02
C TYR D 54 -9.52 24.55 -1.99
N GLU D 55 -9.48 23.47 -2.79
CA GLU D 55 -8.46 23.31 -3.83
C GLU D 55 -8.41 24.54 -4.74
N ASP D 56 -9.60 24.99 -5.19
CA ASP D 56 -9.70 26.11 -6.12
C ASP D 56 -9.37 27.42 -5.43
N LEU D 57 -9.80 27.59 -4.18
CA LEU D 57 -9.45 28.79 -3.45
C LEU D 57 -7.94 28.90 -3.24
N LEU D 58 -7.27 27.78 -2.97
CA LEU D 58 -5.86 27.83 -2.58
C LEU D 58 -4.95 28.03 -3.77
N ILE D 59 -5.30 27.45 -4.93
CA ILE D 59 -4.45 27.60 -6.11
C ILE D 59 -4.33 29.07 -6.52
N ARG D 60 -5.30 29.90 -6.11
CA ARG D 60 -5.34 31.32 -6.42
C ARG D 60 -4.48 32.16 -5.48
N LYS D 61 -3.86 31.54 -4.48
CA LYS D 61 -3.05 32.21 -3.49
C LYS D 61 -1.56 31.97 -3.72
N SER D 62 -0.77 33.01 -3.46
CA SER D 62 0.68 32.93 -3.38
C SER D 62 1.14 32.88 -1.92
N ASN D 63 2.42 32.54 -1.73
CA ASN D 63 3.01 32.54 -0.39
C ASN D 63 2.80 33.89 0.27
N HIS D 64 2.98 34.99 -0.47
CA HIS D 64 2.93 36.30 0.15
C HIS D 64 1.50 36.79 0.42
N ASN D 65 0.49 36.02 0.03
CA ASN D 65 -0.85 36.34 0.46
C ASN D 65 -1.13 35.91 1.91
N PHE D 66 -0.23 35.12 2.52
CA PHE D 66 -0.37 34.68 3.91
C PHE D 66 0.52 35.56 4.79
N LEU D 67 -0.10 36.35 5.65
N LEU D 67 -0.11 36.33 5.67
CA LEU D 67 0.60 37.18 6.61
CA LEU D 67 0.59 37.20 6.61
C LEU D 67 0.63 36.46 7.93
C LEU D 67 0.63 36.47 7.94
N VAL D 68 1.83 36.14 8.40
CA VAL D 68 2.01 35.37 9.64
C VAL D 68 2.78 36.25 10.61
N GLN D 69 2.23 36.45 11.82
CA GLN D 69 2.80 37.37 12.81
C GLN D 69 3.01 36.59 14.11
N ALA D 70 4.26 36.53 14.58
CA ALA D 70 4.66 35.90 15.84
C ALA D 70 4.98 37.05 16.79
N GLY D 71 4.04 37.40 17.64
CA GLY D 71 4.19 38.59 18.44
C GLY D 71 4.22 39.81 17.54
N ASN D 72 5.33 40.54 17.57
CA ASN D 72 5.52 41.70 16.71
C ASN D 72 6.58 41.45 15.65
N VAL D 73 6.70 40.19 15.21
CA VAL D 73 7.64 39.79 14.18
C VAL D 73 6.86 39.10 13.06
N GLN D 74 7.01 39.59 11.83
CA GLN D 74 6.40 38.96 10.67
C GLN D 74 7.28 37.79 10.21
N LEU D 75 6.68 36.64 10.04
CA LEU D 75 7.36 35.46 9.52
C LEU D 75 7.08 35.37 8.03
N ARG D 76 8.13 35.17 7.25
CA ARG D 76 7.98 35.07 5.80
C ARG D 76 7.63 33.63 5.39
N VAL D 77 6.52 33.51 4.66
CA VAL D 77 6.08 32.21 4.15
C VAL D 77 6.83 31.87 2.86
N ILE D 78 7.42 30.69 2.82
CA ILE D 78 8.18 30.26 1.65
C ILE D 78 7.60 29.02 1.00
N GLY D 79 6.49 28.47 1.51
CA GLY D 79 5.80 27.39 0.83
C GLY D 79 4.50 27.15 1.56
N HIS D 80 3.57 26.51 0.88
CA HIS D 80 2.31 26.17 1.52
C HIS D 80 1.70 24.91 0.90
N SER D 81 0.95 24.17 1.72
CA SER D 81 0.23 23.01 1.19
C SER D 81 -0.98 22.78 2.07
N MET D 82 -2.00 22.14 1.51
CA MET D 82 -3.18 21.68 2.22
C MET D 82 -3.07 20.19 2.53
N GLN D 83 -3.33 19.85 3.79
CA GLN D 83 -3.45 18.47 4.26
C GLN D 83 -4.82 18.33 4.91
N ASN D 84 -5.73 17.64 4.24
CA ASN D 84 -7.09 17.51 4.74
C ASN D 84 -7.66 18.90 5.04
N CYS D 85 -8.11 19.20 6.26
CA CYS D 85 -8.69 20.51 6.54
C CYS D 85 -7.73 21.51 7.20
N VAL D 86 -6.41 21.26 7.19
CA VAL D 86 -5.48 22.26 7.66
C VAL D 86 -4.54 22.69 6.54
N LEU D 87 -3.98 23.88 6.72
CA LEU D 87 -2.89 24.36 5.88
C LEU D 87 -1.58 24.24 6.63
N LYS D 88 -0.52 23.93 5.90
CA LYS D 88 0.84 23.90 6.44
C LYS D 88 1.61 24.97 5.72
N LEU D 89 1.98 26.02 6.44
CA LEU D 89 2.73 27.14 5.87
C LEU D 89 4.17 27.02 6.30
N LYS D 90 5.05 26.75 5.33
CA LYS D 90 6.48 26.71 5.59
C LYS D 90 6.99 28.13 5.73
N VAL D 91 7.74 28.40 6.81
CA VAL D 91 8.28 29.71 7.06
C VAL D 91 9.81 29.62 7.08
N ASP D 92 10.46 30.77 6.93
CA ASP D 92 11.91 30.76 6.75
C ASP D 92 12.67 30.77 8.06
N THR D 93 11.97 30.64 9.18
CA THR D 93 12.62 30.60 10.49
C THR D 93 11.97 29.52 11.34
N ALA D 94 12.81 28.72 11.99
CA ALA D 94 12.32 27.74 12.95
C ALA D 94 12.00 28.39 14.28
N ASN D 95 10.88 27.99 14.87
CA ASN D 95 10.50 28.53 16.15
C ASN D 95 11.49 28.14 17.25
N PRO D 96 12.24 29.07 17.80
CA PRO D 96 13.21 28.68 18.83
C PRO D 96 12.57 28.17 20.11
N LYS D 97 11.26 28.36 20.27
CA LYS D 97 10.54 27.89 21.45
C LYS D 97 9.78 26.60 21.20
N THR D 98 10.03 25.92 20.07
CA THR D 98 9.38 24.64 19.80
C THR D 98 9.64 23.65 20.94
N PRO D 99 8.62 23.15 21.61
CA PRO D 99 8.85 22.10 22.62
C PRO D 99 9.00 20.74 21.94
N LYS D 100 9.44 19.77 22.72
CA LYS D 100 9.29 18.38 22.28
C LYS D 100 7.80 18.11 22.12
N TYR D 101 7.40 17.52 20.99
CA TYR D 101 5.98 17.38 20.73
C TYR D 101 5.65 16.14 19.91
N LYS D 102 4.36 15.80 19.94
CA LYS D 102 3.76 14.74 19.15
C LYS D 102 2.39 15.22 18.68
N PHE D 103 1.96 14.69 17.53
CA PHE D 103 0.59 14.80 17.06
C PHE D 103 -0.15 13.48 17.33
N VAL D 104 -1.29 13.54 18.01
CA VAL D 104 -2.05 12.35 18.36
C VAL D 104 -3.52 12.56 18.04
N ARG D 105 -4.19 11.46 17.74
CA ARG D 105 -5.64 11.47 17.55
C ARG D 105 -6.26 10.79 18.75
N ILE D 106 -7.04 11.56 19.52
CA ILE D 106 -7.65 10.98 20.72
C ILE D 106 -8.98 10.30 20.45
N GLN D 107 -9.46 9.46 21.43
CA GLN D 107 -10.71 8.76 21.40
C GLN D 107 -11.77 9.52 22.18
N PRO D 108 -13.05 9.33 21.86
CA PRO D 108 -14.11 9.92 22.66
C PRO D 108 -13.98 9.49 24.12
N GLY D 109 -14.22 10.44 25.02
CA GLY D 109 -14.06 10.27 26.43
C GLY D 109 -12.74 10.77 26.97
N GLN D 110 -11.72 10.88 26.13
CA GLN D 110 -10.43 11.42 26.58
C GLN D 110 -10.49 12.94 26.75
N THR D 111 -9.68 13.45 27.68
CA THR D 111 -9.66 14.88 27.97
C THR D 111 -8.37 15.54 27.47
N PHE D 112 -8.38 16.87 27.45
CA PHE D 112 -7.23 17.68 27.03
C PHE D 112 -7.45 19.09 27.53
N SER D 113 -6.36 19.84 27.57
CA SER D 113 -6.41 21.26 27.87
C SER D 113 -6.54 22.07 26.59
N VAL D 114 -7.26 23.17 26.66
CA VAL D 114 -7.40 24.08 25.53
C VAL D 114 -6.78 25.40 25.90
N LEU D 115 -5.96 25.97 25.01
CA LEU D 115 -5.48 27.35 25.15
C LEU D 115 -6.26 28.17 24.12
N ALA D 116 -7.27 28.88 24.57
CA ALA D 116 -8.08 29.69 23.68
C ALA D 116 -7.37 30.97 23.32
N CYS D 117 -7.25 31.26 22.03
CA CYS D 117 -6.48 32.39 21.54
C CYS D 117 -7.26 33.21 20.52
N TYR D 118 -6.90 34.49 20.40
CA TYR D 118 -7.43 35.42 19.40
C TYR D 118 -6.27 36.24 18.89
N ASN D 119 -6.18 36.37 17.56
CA ASN D 119 -5.12 37.15 16.93
C ASN D 119 -3.74 36.70 17.41
N GLY D 120 -3.59 35.40 17.60
CA GLY D 120 -2.33 34.82 17.97
C GLY D 120 -1.92 34.99 19.42
N SER D 121 -2.78 35.54 20.26
CA SER D 121 -2.49 35.80 21.67
C SER D 121 -3.42 34.98 22.57
N PRO D 122 -2.95 34.55 23.75
CA PRO D 122 -3.79 33.68 24.61
C PRO D 122 -4.81 34.48 25.40
N SER D 123 -6.01 33.92 25.51
CA SER D 123 -7.08 34.46 26.34
C SER D 123 -7.22 33.67 27.65
N GLY D 124 -7.10 32.35 27.60
CA GLY D 124 -7.23 31.55 28.82
C GLY D 124 -7.13 30.06 28.52
N VAL D 125 -7.12 29.29 29.59
CA VAL D 125 -6.89 27.86 29.48
C VAL D 125 -7.98 27.14 30.26
N TYR D 126 -8.52 26.08 29.67
CA TYR D 126 -9.50 25.27 30.38
C TYR D 126 -9.40 23.82 29.91
N GLN D 127 -10.08 22.94 30.63
CA GLN D 127 -10.06 21.51 30.36
C GLN D 127 -11.34 21.10 29.66
N CYS D 128 -11.19 20.19 28.68
CA CYS D 128 -12.26 19.72 27.80
C CYS D 128 -12.22 18.20 27.72
N ALA D 129 -13.35 17.62 27.33
CA ALA D 129 -13.39 16.21 26.94
C ALA D 129 -13.94 16.10 25.52
N MET D 130 -13.39 15.17 24.73
CA MET D 130 -14.03 14.64 23.53
C MET D 130 -15.30 13.91 23.85
N ARG D 131 -16.44 14.49 23.50
CA ARG D 131 -17.72 13.86 23.81
C ARG D 131 -17.93 12.61 22.94
N PRO D 132 -18.77 11.69 23.39
CA PRO D 132 -19.03 10.52 22.55
C PRO D 132 -19.49 10.86 21.14
N ASN D 133 -20.20 11.97 20.96
CA ASN D 133 -20.62 12.38 19.63
C ASN D 133 -19.59 13.25 18.91
N PHE D 134 -18.35 13.27 19.39
CA PHE D 134 -17.19 13.89 18.73
C PHE D 134 -17.29 15.42 18.69
N THR D 135 -18.12 16.01 19.51
CA THR D 135 -18.04 17.46 19.75
C THR D 135 -17.29 17.71 21.05
N ILE D 136 -16.93 18.97 21.25
CA ILE D 136 -16.39 19.42 22.53
C ILE D 136 -17.21 20.59 23.04
N LYS D 137 -17.39 20.64 24.36
CA LYS D 137 -18.15 21.74 24.97
C LYS D 137 -17.14 22.78 25.40
N GLY D 138 -16.75 23.59 24.44
CA GLY D 138 -15.71 24.57 24.66
C GLY D 138 -16.25 25.93 25.04
N SER D 139 -15.36 26.92 24.93
CA SER D 139 -15.71 28.33 25.07
C SER D 139 -14.90 29.05 23.98
N PHE D 140 -15.53 29.32 22.84
CA PHE D 140 -14.82 29.81 21.67
C PHE D 140 -15.69 30.85 20.99
N LEU D 141 -15.06 31.92 20.53
CA LEU D 141 -15.72 33.01 19.83
C LEU D 141 -15.17 33.10 18.41
N ASN D 142 -15.78 33.97 17.60
CA ASN D 142 -15.20 34.21 16.28
C ASN D 142 -13.77 34.69 16.44
N GLY D 143 -12.87 34.12 15.63
CA GLY D 143 -11.45 34.37 15.74
C GLY D 143 -10.66 33.31 16.47
N SER D 144 -11.33 32.39 17.13
CA SER D 144 -10.64 31.40 17.94
C SER D 144 -10.13 30.19 17.16
N ALA D 145 -10.57 30.00 15.92
CA ALA D 145 -10.08 28.86 15.16
C ALA D 145 -8.57 28.86 15.11
N GLY D 146 -8.00 27.67 15.13
CA GLY D 146 -6.57 27.52 15.24
C GLY D 146 -6.03 27.38 16.66
N SER D 147 -6.84 27.70 17.65
CA SER D 147 -6.52 27.33 19.03
C SER D 147 -6.43 25.82 19.10
N VAL D 148 -5.54 25.32 19.97
CA VAL D 148 -5.27 23.90 20.06
C VAL D 148 -5.59 23.34 21.43
N GLY D 149 -5.79 22.03 21.42
CA GLY D 149 -5.92 21.23 22.62
C GLY D 149 -4.77 20.25 22.72
N PHE D 150 -4.40 19.94 23.95
CA PHE D 150 -3.13 19.25 24.17
C PHE D 150 -3.11 18.61 25.55
N ASN D 151 -2.20 17.64 25.70
CA ASN D 151 -1.80 17.05 26.98
C ASN D 151 -0.28 17.13 27.05
N ILE D 152 0.25 17.17 28.26
CA ILE D 152 1.70 17.20 28.47
C ILE D 152 2.10 15.99 29.31
N ASP D 153 3.05 15.21 28.80
CA ASP D 153 3.60 14.05 29.52
C ASP D 153 5.10 14.25 29.57
N TYR D 154 5.65 14.28 30.78
CA TYR D 154 7.04 14.66 31.00
C TYR D 154 7.20 16.06 30.41
N ASP D 155 8.06 16.27 29.42
CA ASP D 155 8.23 17.58 28.80
C ASP D 155 7.72 17.56 27.36
N CYS D 156 6.91 16.57 27.00
CA CYS D 156 6.45 16.39 25.62
C CYS D 156 5.00 16.83 25.51
N VAL D 157 4.73 17.75 24.60
CA VAL D 157 3.38 18.23 24.35
C VAL D 157 2.75 17.37 23.26
N SER D 158 1.64 16.70 23.60
CA SER D 158 0.90 15.89 22.62
C SER D 158 -0.30 16.73 22.20
N PHE D 159 -0.22 17.30 20.99
CA PHE D 159 -1.31 18.06 20.42
C PHE D 159 -2.36 17.12 19.84
N CYS D 160 -3.62 17.29 20.25
CA CYS D 160 -4.69 16.39 19.81
C CYS D 160 -5.85 17.08 19.11
N TYR D 161 -5.94 18.41 19.14
CA TYR D 161 -7.13 19.09 18.66
C TYR D 161 -6.74 20.47 18.12
N MET D 162 -7.34 20.85 16.99
CA MET D 162 -7.23 22.20 16.47
C MET D 162 -8.68 22.65 16.25
N HIS D 163 -9.03 23.82 16.77
CA HIS D 163 -10.41 24.30 16.73
C HIS D 163 -10.77 24.89 15.37
N HIS D 164 -11.98 24.55 14.85
CA HIS D 164 -12.45 25.07 13.58
C HIS D 164 -13.77 25.82 13.67
N MET D 165 -14.79 25.34 14.39
CA MET D 165 -16.13 25.87 14.14
C MET D 165 -17.06 25.57 15.30
N GLU D 166 -18.21 26.23 15.29
CA GLU D 166 -19.24 26.11 16.31
C GLU D 166 -20.53 25.60 15.66
N LEU D 167 -21.11 24.57 16.23
CA LEU D 167 -22.39 24.04 15.76
C LEU D 167 -23.55 24.87 16.28
N PRO D 168 -24.73 24.74 15.65
CA PRO D 168 -25.91 25.51 16.07
C PRO D 168 -26.26 25.37 17.55
N THR D 169 -25.98 24.23 18.18
CA THR D 169 -26.32 24.04 19.59
C THR D 169 -25.32 24.69 20.53
N GLY D 170 -24.30 25.35 19.99
CA GLY D 170 -23.30 26.01 20.81
C GLY D 170 -22.10 25.18 21.21
N VAL D 171 -21.99 23.95 20.71
CA VAL D 171 -20.84 23.11 20.99
C VAL D 171 -19.91 23.21 19.81
N HIS D 172 -18.74 22.58 19.90
CA HIS D 172 -17.62 22.90 19.03
C HIS D 172 -17.09 21.67 18.30
N ALA D 173 -16.50 21.92 17.12
CA ALA D 173 -15.93 20.84 16.32
C ALA D 173 -14.61 21.27 15.70
N GLY D 174 -13.71 20.31 15.55
CA GLY D 174 -12.40 20.59 15.00
C GLY D 174 -11.76 19.32 14.56
N THR D 175 -10.45 19.39 14.37
CA THR D 175 -9.66 18.35 13.72
C THR D 175 -8.51 17.91 14.60
N ASP D 176 -7.91 16.77 14.25
CA ASP D 176 -6.59 16.49 14.76
C ASP D 176 -5.58 17.39 13.99
N LEU D 177 -4.28 17.23 14.25
CA LEU D 177 -3.29 18.12 13.63
C LEU D 177 -2.87 17.62 12.26
N GLU D 178 -3.39 16.46 11.83
CA GLU D 178 -3.35 16.08 10.41
C GLU D 178 -4.54 16.63 9.63
N GLY D 179 -5.42 17.39 10.27
CA GLY D 179 -6.53 18.05 9.62
C GLY D 179 -7.74 17.18 9.34
N ASN D 180 -7.83 16.00 9.97
CA ASN D 180 -9.03 15.18 9.85
C ASN D 180 -10.00 15.51 10.98
N PHE D 181 -11.26 15.83 10.63
CA PHE D 181 -12.24 16.20 11.65
C PHE D 181 -12.46 15.03 12.60
N TYR D 182 -12.75 15.38 13.87
CA TYR D 182 -13.38 14.46 14.79
C TYR D 182 -14.87 14.51 14.47
N GLY D 183 -15.47 13.37 14.21
CA GLY D 183 -16.90 13.35 13.95
C GLY D 183 -17.21 13.51 12.49
N PRO D 184 -18.49 13.49 12.15
CA PRO D 184 -18.92 13.56 10.74
C PRO D 184 -19.06 14.95 10.16
N PHE D 185 -18.32 15.88 10.71
CA PHE D 185 -18.52 17.28 10.37
C PHE D 185 -17.58 17.70 9.24
N VAL D 186 -17.96 18.80 8.60
CA VAL D 186 -17.22 19.39 7.49
C VAL D 186 -17.14 20.90 7.67
N ASP D 187 -16.09 21.53 7.10
CA ASP D 187 -15.87 22.96 7.34
C ASP D 187 -16.63 23.78 6.29
N ARG D 188 -17.95 23.76 6.48
CA ARG D 188 -18.96 24.45 5.70
C ARG D 188 -19.99 24.99 6.69
N GLN D 189 -20.57 26.15 6.37
CA GLN D 189 -21.60 26.73 7.22
C GLN D 189 -23.00 26.25 6.90
N THR D 190 -23.14 25.04 6.37
CA THR D 190 -24.44 24.42 6.23
C THR D 190 -24.97 23.98 7.60
N ALA D 191 -26.25 23.66 7.65
CA ALA D 191 -26.82 23.10 8.86
C ALA D 191 -26.21 21.72 9.07
N GLN D 192 -25.53 21.56 10.19
CA GLN D 192 -25.02 20.27 10.63
C GLN D 192 -25.41 20.07 12.08
N ALA D 193 -25.65 18.81 12.43
CA ALA D 193 -26.06 18.43 13.78
C ALA D 193 -25.30 17.18 14.18
N ALA D 194 -24.88 17.14 15.44
CA ALA D 194 -24.17 15.99 15.96
C ALA D 194 -25.11 14.87 16.36
N GLY D 195 -24.57 13.67 16.47
CA GLY D 195 -25.31 12.59 17.09
C GLY D 195 -25.78 12.95 18.48
N THR D 196 -26.82 12.26 18.95
CA THR D 196 -27.26 12.43 20.32
C THR D 196 -26.11 12.08 21.27
N ASP D 197 -25.79 12.99 22.17
CA ASP D 197 -24.65 12.73 23.02
C ASP D 197 -25.05 11.81 24.18
N THR D 198 -24.03 11.24 24.82
CA THR D 198 -24.23 10.33 25.93
C THR D 198 -23.20 10.62 27.01
N THR D 199 -23.41 10.06 28.18
CA THR D 199 -22.52 10.30 29.31
C THR D 199 -21.40 9.28 29.29
N ILE D 200 -20.17 9.74 29.60
CA ILE D 200 -18.97 8.91 29.54
C ILE D 200 -18.87 8.11 30.84
N THR D 201 -19.43 6.91 30.82
CA THR D 201 -19.56 6.08 32.01
C THR D 201 -18.24 5.81 32.74
N VAL D 202 -17.20 5.42 32.01
CA VAL D 202 -15.94 5.10 32.67
C VAL D 202 -15.39 6.30 33.43
N ASN D 203 -15.64 7.51 32.92
CA ASN D 203 -15.19 8.72 33.60
C ASN D 203 -15.99 8.99 34.88
N VAL D 204 -17.31 8.81 34.84
CA VAL D 204 -18.10 8.97 36.04
C VAL D 204 -17.59 8.02 37.12
N LEU D 205 -17.32 6.75 36.76
CA LEU D 205 -16.79 5.82 37.75
C LEU D 205 -15.44 6.31 38.30
N ALA D 206 -14.52 6.80 37.44
CA ALA D 206 -13.24 7.33 37.92
C ALA D 206 -13.45 8.43 38.96
N TRP D 207 -14.41 9.31 38.69
CA TRP D 207 -14.68 10.45 39.55
C TRP D 207 -15.27 9.99 40.87
N LEU D 208 -16.13 8.96 40.85
CA LEU D 208 -16.55 8.38 42.12
C LEU D 208 -15.37 7.81 42.89
N TYR D 209 -14.43 7.16 42.20
CA TYR D 209 -13.23 6.70 42.88
C TYR D 209 -12.45 7.87 43.48
N ALA D 210 -12.30 8.98 42.75
CA ALA D 210 -11.68 10.18 43.31
C ALA D 210 -12.38 10.60 44.62
N ALA D 211 -13.70 10.53 44.64
CA ALA D 211 -14.43 10.95 45.83
C ALA D 211 -14.12 10.05 47.01
N VAL D 212 -13.95 8.74 46.77
CA VAL D 212 -13.56 7.84 47.85
C VAL D 212 -12.13 8.14 48.30
N ILE D 213 -11.21 8.34 47.33
CA ILE D 213 -9.82 8.64 47.68
C ILE D 213 -9.77 9.87 48.59
N ASN D 214 -10.61 10.86 48.32
CA ASN D 214 -10.61 12.09 49.07
C ASN D 214 -11.45 12.02 50.34
N GLY D 215 -12.07 10.87 50.61
CA GLY D 215 -12.62 10.65 51.94
C GLY D 215 -14.12 10.41 52.11
N ASP D 216 -14.88 10.27 51.01
CA ASP D 216 -16.32 10.17 51.09
C ASP D 216 -16.81 8.84 50.56
N ARG D 217 -17.66 8.17 51.35
CA ARG D 217 -18.18 6.85 50.98
C ARG D 217 -19.70 6.78 51.04
N TRP D 218 -20.37 7.93 51.22
CA TRP D 218 -21.78 7.87 51.57
C TRP D 218 -22.66 7.23 50.48
N PHE D 219 -22.22 7.26 49.23
CA PHE D 219 -23.00 6.80 48.09
C PHE D 219 -22.80 5.33 47.78
N LEU D 220 -21.87 4.62 48.44
CA LEU D 220 -21.70 3.21 48.21
C LEU D 220 -22.89 2.44 48.77
N ASN D 221 -23.04 1.16 48.37
CA ASN D 221 -24.09 0.30 48.90
C ASN D 221 -23.54 -1.12 48.98
N ARG D 222 -24.36 -2.04 49.53
CA ARG D 222 -23.87 -3.38 49.81
C ARG D 222 -23.94 -4.31 48.60
N PHE D 223 -24.39 -3.80 47.45
CA PHE D 223 -24.71 -4.65 46.31
C PHE D 223 -23.52 -4.76 45.35
N THR D 224 -23.62 -5.75 44.47
CA THR D 224 -22.82 -5.83 43.27
C THR D 224 -23.75 -5.90 42.05
N THR D 225 -23.16 -5.96 40.88
CA THR D 225 -23.94 -6.14 39.66
C THR D 225 -23.13 -6.93 38.64
N THR D 226 -23.83 -7.61 37.73
CA THR D 226 -23.13 -8.10 36.56
C THR D 226 -22.89 -6.92 35.62
N LEU D 227 -21.84 -7.05 34.81
CA LEU D 227 -21.58 -6.03 33.79
C LEU D 227 -22.79 -5.88 32.87
N ASN D 228 -23.39 -7.00 32.47
CA ASN D 228 -24.58 -6.97 31.63
C ASN D 228 -25.71 -6.19 32.27
N ASP D 229 -26.07 -6.50 33.53
CA ASP D 229 -27.17 -5.80 34.16
C ASP D 229 -26.83 -4.32 34.38
N PHE D 230 -25.57 -4.00 34.67
CA PHE D 230 -25.19 -2.59 34.79
C PHE D 230 -25.42 -1.85 33.47
N ASN D 231 -25.00 -2.42 32.36
CA ASN D 231 -25.17 -1.74 31.08
C ASN D 231 -26.65 -1.63 30.69
N LEU D 232 -27.45 -2.64 30.99
CA LEU D 232 -28.87 -2.53 30.70
C LEU D 232 -29.50 -1.35 31.46
N VAL D 233 -29.15 -1.16 32.73
CA VAL D 233 -29.68 -0.04 33.50
C VAL D 233 -29.11 1.28 33.05
N ALA D 234 -27.78 1.38 32.96
CA ALA D 234 -27.15 2.67 32.68
C ALA D 234 -27.58 3.20 31.30
N MET D 235 -27.78 2.30 30.33
CA MET D 235 -28.23 2.79 29.03
C MET D 235 -29.57 3.52 29.11
N LYS D 236 -30.40 3.20 30.10
CA LYS D 236 -31.70 3.86 30.23
C LYS D 236 -31.56 5.31 30.68
N TYR D 237 -30.42 5.67 31.22
CA TYR D 237 -30.11 7.05 31.56
C TYR D 237 -29.20 7.71 30.54
N ASN D 238 -29.05 7.12 29.36
CA ASN D 238 -28.22 7.70 28.30
C ASN D 238 -26.73 7.71 28.63
N TYR D 239 -26.27 6.65 29.31
CA TYR D 239 -24.87 6.40 29.58
C TYR D 239 -24.31 5.49 28.48
N GLU D 240 -23.02 5.68 28.16
N GLU D 240 -23.02 5.68 28.15
CA GLU D 240 -22.30 4.85 27.21
CA GLU D 240 -22.46 4.82 27.13
C GLU D 240 -22.09 3.44 27.78
C GLU D 240 -22.11 3.46 27.75
N PRO D 241 -22.06 2.43 26.93
CA PRO D 241 -21.70 1.10 27.43
C PRO D 241 -20.33 1.10 28.11
N LEU D 242 -20.26 0.39 29.22
CA LEU D 242 -19.01 0.09 29.90
C LEU D 242 -18.46 -1.22 29.34
N THR D 243 -17.22 -1.18 28.85
CA THR D 243 -16.59 -2.36 28.28
C THR D 243 -15.62 -3.01 29.26
N GLN D 244 -15.24 -4.24 28.95
CA GLN D 244 -14.21 -4.85 29.77
C GLN D 244 -12.89 -4.05 29.71
N ASP D 245 -12.56 -3.43 28.58
CA ASP D 245 -11.39 -2.56 28.55
C ASP D 245 -11.51 -1.44 29.57
N HIS D 246 -12.69 -0.82 29.67
CA HIS D 246 -12.91 0.21 30.70
C HIS D 246 -12.71 -0.35 32.12
N VAL D 247 -13.25 -1.54 32.38
CA VAL D 247 -13.08 -2.19 33.68
C VAL D 247 -11.61 -2.38 33.99
N ASP D 248 -10.83 -2.80 32.99
CA ASP D 248 -9.40 -2.98 33.19
C ASP D 248 -8.72 -1.65 33.51
N ILE D 249 -9.08 -0.57 32.81
CA ILE D 249 -8.45 0.72 33.02
C ILE D 249 -8.72 1.25 34.42
N LEU D 250 -9.84 0.86 35.01
CA LEU D 250 -10.16 1.30 36.36
C LEU D 250 -9.43 0.48 37.43
N GLY D 251 -8.61 -0.47 37.03
CA GLY D 251 -7.95 -1.36 37.96
C GLY D 251 -7.17 -0.66 39.04
N PRO D 252 -6.27 0.25 38.64
CA PRO D 252 -5.46 0.94 39.67
C PRO D 252 -6.28 1.70 40.71
N LEU D 253 -7.34 2.36 40.28
CA LEU D 253 -8.17 3.06 41.24
C LEU D 253 -8.94 2.09 42.12
N SER D 254 -9.38 0.96 41.56
CA SER D 254 -10.08 -0.03 42.36
C SER D 254 -9.12 -0.60 43.41
N ALA D 255 -7.86 -0.84 43.02
CA ALA D 255 -6.88 -1.36 43.98
C ALA D 255 -6.58 -0.36 45.10
N GLN D 256 -6.47 0.93 44.76
CA GLN D 256 -6.14 1.93 45.77
C GLN D 256 -7.24 2.08 46.78
N THR D 257 -8.50 1.86 46.39
CA THR D 257 -9.62 2.09 47.29
C THR D 257 -10.19 0.81 47.88
N GLY D 258 -9.83 -0.34 47.32
CA GLY D 258 -10.42 -1.58 47.78
C GLY D 258 -11.86 -1.82 47.36
N ILE D 259 -12.37 -1.07 46.38
CA ILE D 259 -13.74 -1.20 45.90
C ILE D 259 -13.68 -1.78 44.50
N ALA D 260 -14.21 -3.00 44.37
CA ALA D 260 -14.26 -3.66 43.07
C ALA D 260 -15.06 -2.84 42.06
N VAL D 261 -14.60 -2.85 40.81
CA VAL D 261 -15.24 -2.03 39.78
C VAL D 261 -16.74 -2.32 39.73
N LEU D 262 -17.13 -3.61 39.72
CA LEU D 262 -18.56 -3.88 39.61
C LEU D 262 -19.32 -3.46 40.87
N ASP D 263 -18.64 -3.37 42.01
CA ASP D 263 -19.30 -2.81 43.19
C ASP D 263 -19.48 -1.29 43.05
N MET D 264 -18.53 -0.59 42.42
CA MET D 264 -18.74 0.84 42.19
C MET D 264 -19.85 1.03 41.13
N CYS D 265 -19.96 0.11 40.18
CA CYS D 265 -21.10 0.15 39.27
C CYS D 265 -22.43 0.03 39.98
N ALA D 266 -22.52 -0.83 41.00
CA ALA D 266 -23.75 -0.93 41.79
C ALA D 266 -24.07 0.38 42.47
N SER D 267 -23.04 1.08 42.99
CA SER D 267 -23.20 2.42 43.56
C SER D 267 -23.76 3.39 42.52
N LEU D 268 -23.18 3.39 41.32
CA LEU D 268 -23.65 4.32 40.30
C LEU D 268 -25.10 4.02 39.90
N LYS D 269 -25.49 2.74 39.83
CA LYS D 269 -26.88 2.39 39.51
C LYS D 269 -27.82 3.02 40.54
N GLU D 270 -27.44 3.01 41.83
CA GLU D 270 -28.28 3.59 42.87
C GLU D 270 -28.27 5.12 42.82
N LEU D 271 -27.12 5.73 42.55
CA LEU D 271 -27.08 7.19 42.41
C LEU D 271 -27.95 7.66 41.25
N LEU D 272 -27.99 6.90 40.16
CA LEU D 272 -28.86 7.28 39.04
C LEU D 272 -30.32 7.16 39.43
N GLN D 273 -30.66 6.12 40.19
CA GLN D 273 -32.03 5.93 40.63
C GLN D 273 -32.47 6.99 41.65
N ASN D 274 -31.54 7.49 42.49
CA ASN D 274 -31.93 8.25 43.67
C ASN D 274 -31.61 9.75 43.54
N GLY D 275 -30.70 10.12 42.65
CA GLY D 275 -30.13 11.45 42.77
C GLY D 275 -29.28 11.59 44.03
N MET D 276 -28.97 12.85 44.36
CA MET D 276 -28.05 13.05 45.46
C MET D 276 -28.78 13.42 46.79
N ASN D 277 -30.08 13.68 46.72
CA ASN D 277 -30.87 14.03 47.90
C ASN D 277 -30.25 15.15 48.70
N GLY D 278 -29.95 16.24 48.02
CA GLY D 278 -29.44 17.44 48.66
C GLY D 278 -27.98 17.44 48.95
N ARG D 279 -27.28 16.36 48.67
CA ARG D 279 -25.86 16.23 48.91
C ARG D 279 -25.10 16.58 47.64
N THR D 280 -23.78 16.70 47.78
CA THR D 280 -22.87 16.91 46.66
C THR D 280 -21.74 15.89 46.72
N ILE D 281 -21.11 15.68 45.58
CA ILE D 281 -19.93 14.84 45.47
C ILE D 281 -18.82 15.67 44.85
N LEU D 282 -17.70 15.83 45.56
CA LEU D 282 -16.59 16.67 45.07
C LEU D 282 -17.10 18.03 44.59
N GLY D 283 -18.04 18.60 45.37
CA GLY D 283 -18.56 19.91 45.08
C GLY D 283 -19.55 20.03 43.94
N SER D 284 -20.01 18.91 43.36
CA SER D 284 -20.99 18.92 42.28
C SER D 284 -22.30 18.27 42.72
N ALA D 285 -23.40 18.79 42.17
CA ALA D 285 -24.72 18.21 42.36
C ALA D 285 -25.15 17.35 41.18
N LEU D 286 -24.25 17.13 40.22
CA LEU D 286 -24.48 16.25 39.08
C LEU D 286 -23.33 15.26 39.00
N LEU D 287 -23.55 14.16 38.30
CA LEU D 287 -22.50 13.17 38.12
C LEU D 287 -21.55 13.65 37.02
N GLU D 288 -20.29 13.90 37.38
CA GLU D 288 -19.31 14.51 36.47
C GLU D 288 -18.65 13.45 35.59
N ASP D 289 -18.54 13.74 34.27
CA ASP D 289 -17.98 12.72 33.37
C ASP D 289 -16.79 13.25 32.54
N GLU D 290 -16.20 14.38 32.91
CA GLU D 290 -15.06 14.86 32.15
C GLU D 290 -13.73 14.74 32.91
N PHE D 291 -13.63 13.75 33.80
CA PHE D 291 -12.34 13.32 34.35
C PHE D 291 -12.11 11.87 33.95
N THR D 292 -10.95 11.57 33.33
CA THR D 292 -10.59 10.20 33.00
C THR D 292 -9.96 9.52 34.22
N PRO D 293 -9.82 8.19 34.18
CA PRO D 293 -9.03 7.50 35.19
C PRO D 293 -7.62 8.08 35.31
N PHE D 294 -6.97 8.42 34.19
CA PHE D 294 -5.65 9.03 34.26
C PHE D 294 -5.71 10.40 34.93
N ASP D 295 -6.77 11.18 34.68
CA ASP D 295 -6.87 12.50 35.29
C ASP D 295 -6.96 12.40 36.81
N VAL D 296 -7.71 11.41 37.31
CA VAL D 296 -7.86 11.20 38.73
C VAL D 296 -6.52 10.83 39.38
N VAL D 297 -5.79 9.90 38.77
CA VAL D 297 -4.50 9.49 39.30
C VAL D 297 -3.52 10.66 39.25
N ARG D 298 -3.62 11.50 38.20
CA ARG D 298 -2.70 12.64 38.09
C ARG D 298 -2.88 13.61 39.25
N GLN D 299 -4.12 13.82 39.67
CA GLN D 299 -4.45 14.90 40.59
C GLN D 299 -4.57 14.47 42.03
N CYS D 300 -5.08 13.26 42.28
CA CYS D 300 -5.40 12.81 43.63
C CYS D 300 -4.14 12.29 44.33
N SER D 301 -4.22 12.27 45.66
CA SER D 301 -3.21 11.60 46.44
C SER D 301 -3.17 10.12 46.09
N GLY D 302 -1.97 9.53 46.24
CA GLY D 302 -1.81 8.12 46.09
C GLY D 302 -2.18 7.36 47.35
N VAL D 303 -2.57 8.07 48.40
CA VAL D 303 -2.98 7.47 49.67
C VAL D 303 -4.44 7.84 49.92
N THR D 304 -5.29 6.81 50.08
CA THR D 304 -6.70 7.05 50.33
C THR D 304 -6.91 7.53 51.76
N PHE D 305 -7.85 8.47 51.92
CA PHE D 305 -8.24 8.98 53.23
C PHE D 305 -9.28 8.02 53.77
N GLN D 306 -8.81 7.04 54.54
CA GLN D 306 -9.67 5.93 54.91
C GLN D 306 -10.61 6.22 56.05
N SER E 1 18.58 -25.74 24.65
CA SER E 1 19.95 -25.66 24.05
C SER E 1 20.60 -24.32 24.43
N ALA E 2 21.82 -24.11 23.96
CA ALA E 2 22.52 -22.86 24.11
C ALA E 2 22.86 -22.31 22.73
N VAL E 3 23.13 -21.00 22.69
CA VAL E 3 23.65 -20.37 21.49
C VAL E 3 24.89 -21.13 21.01
N LYS E 4 25.03 -21.27 19.70
N LYS E 4 25.04 -21.25 19.70
CA LYS E 4 26.23 -21.82 19.09
CA LYS E 4 26.22 -21.82 19.08
C LYS E 4 26.99 -20.71 18.39
C LYS E 4 26.99 -20.70 18.38
N LEU E 5 28.24 -20.49 18.79
CA LEU E 5 29.12 -19.57 18.09
C LEU E 5 29.65 -20.27 16.85
N GLN E 6 29.43 -19.71 15.66
CA GLN E 6 29.72 -20.46 14.43
C GLN E 6 31.03 -20.01 13.79
N SER F 1 -29.12 25.92 -37.16
CA SER F 1 -29.78 26.45 -35.93
C SER F 1 -28.75 27.02 -34.96
N ALA F 2 -29.23 27.60 -33.87
CA ALA F 2 -28.37 28.06 -32.79
C ALA F 2 -28.75 27.37 -31.49
N VAL F 3 -27.82 27.40 -30.54
CA VAL F 3 -28.15 27.05 -29.16
C VAL F 3 -29.37 27.86 -28.69
N LYS F 4 -30.23 27.22 -27.93
CA LYS F 4 -31.35 27.82 -27.24
C LYS F 4 -31.09 27.83 -25.75
N LEU F 5 -31.04 29.02 -25.16
CA LEU F 5 -30.95 29.18 -23.72
C LEU F 5 -32.34 28.98 -23.15
N GLN F 6 -32.48 27.99 -22.28
CA GLN F 6 -33.83 27.56 -21.85
C GLN F 6 -34.20 28.13 -20.48
N SER G 1 -2.90 -15.73 -26.61
CA SER G 1 -1.98 -14.56 -26.63
C SER G 1 -0.60 -14.99 -27.12
N ALA G 2 0.25 -14.03 -27.44
CA ALA G 2 1.48 -14.31 -28.16
C ALA G 2 2.68 -14.42 -27.21
N VAL G 3 3.65 -15.24 -27.62
CA VAL G 3 4.95 -15.27 -26.97
C VAL G 3 5.63 -13.92 -27.16
N LYS G 4 6.42 -13.51 -26.17
CA LYS G 4 7.25 -12.31 -26.26
C LYS G 4 8.72 -12.70 -26.30
N LEU G 5 9.40 -12.40 -27.41
CA LEU G 5 10.85 -12.55 -27.46
C LEU G 5 11.48 -11.43 -26.65
N GLN G 6 12.38 -11.76 -25.73
CA GLN G 6 12.87 -10.78 -24.79
C GLN G 6 14.33 -10.39 -25.10
N SER H 1 -30.70 27.10 12.76
CA SER H 1 -29.37 27.79 12.72
C SER H 1 -28.36 26.97 11.90
N ALA H 2 -27.24 27.60 11.56
CA ALA H 2 -26.19 26.99 10.74
C ALA H 2 -24.86 27.00 11.48
N VAL H 3 -23.90 26.26 10.92
CA VAL H 3 -22.57 26.20 11.51
C VAL H 3 -21.88 27.55 11.35
N LYS H 4 -21.05 27.92 12.31
CA LYS H 4 -20.23 29.13 12.22
C LYS H 4 -18.76 28.71 12.16
N LEU H 5 -18.09 29.00 11.06
CA LEU H 5 -16.65 28.86 11.01
C LEU H 5 -16.02 29.99 11.83
N GLN H 6 -15.13 29.65 12.75
CA GLN H 6 -14.65 30.64 13.71
C GLN H 6 -13.19 31.02 13.37
#